data_7YX8
#
_entry.id   7YX8
#
_cell.length_a   73.145
_cell.length_b   82.687
_cell.length_c   172.608
_cell.angle_alpha   90.00
_cell.angle_beta   90.00
_cell.angle_gamma   90.00
#
_symmetry.space_group_name_H-M   'P 21 21 21'
#
loop_
_entity.id
_entity.type
_entity.pdbx_description
1 polymer 'Peptidase M60 domain-containing protein'
2 polymer 'PSGL-1-like bis-T glycopeptide'
3 branched beta-D-galactopyranose-(1-3)-2-acetamido-2-deoxy-alpha-D-galactopyranose
4 non-polymer GLYCEROL
5 non-polymer 'ZINC ION'
6 water water
#
loop_
_entity_poly.entity_id
_entity_poly.type
_entity_poly.pdbx_seq_one_letter_code
_entity_poly.pdbx_strand_id
1 'polypeptide(L)'
;GGGGGPDYLYAEYRALPSPRQTGKNLRIGDGFSKYDNMTGVYLEKGRHVVLVGKTEGQEISLLLPNLMRKPAEGVQPTKD
PNGWGLHKKQIPLKEGINIIDVETPANAYISYFTEDAGKAPKIPVHFVTGKANGYFDTTRGDTNKDWVRLLDQAVSPIMD
ARGKYIQVAYPVEFLKKFTKDRGTELINAYDKLIGIQYQLMGLDKYGKIPENRVLARVNFNYYMFRDGDGVAYLGNDGTM
RMVTDPENVLKGDACWGFSHAVGHVMQMRPMTWGGMTEVSNNIFSLQAAAKTGNESRLKRQGSYDKARKEIIEGEIAYLQ
SKDVFNKLVPLWQLHLYFTKNGHPDFYPDVMEYLRNNAGNYGGNDTVKYQFEFVKACCDVTKTDLTDFFEKWGFFKPGKF
HIGDYAQYDFNVTPEMVEETKKWIAGKGYPKPETDITELSE
;
A,B
2 'polypeptide(L)' TEAQTTPPPA F,H
#
loop_
_chem_comp.id
_chem_comp.type
_chem_comp.name
_chem_comp.formula
A2G D-saccharide, alpha linking 2-acetamido-2-deoxy-alpha-D-galactopyranose 'C8 H15 N O6'
GAL D-saccharide, beta linking beta-D-galactopyranose 'C6 H12 O6'
GOL non-polymer GLYCEROL 'C3 H8 O3'
ZN non-polymer 'ZINC ION' 'Zn 2'
#
# COMPACT_ATOMS: atom_id res chain seq x y z
N GLY A 2 -20.43 -32.54 6.50
CA GLY A 2 -21.13 -31.22 6.47
C GLY A 2 -22.58 -31.34 6.92
N GLY A 3 -23.42 -30.40 6.52
CA GLY A 3 -24.85 -30.32 6.90
C GLY A 3 -25.09 -29.48 8.16
N GLY A 4 -24.09 -28.73 8.63
CA GLY A 4 -24.15 -27.92 9.87
C GLY A 4 -24.91 -26.62 9.71
N GLY A 5 -25.33 -26.28 8.49
CA GLY A 5 -26.08 -25.06 8.20
C GLY A 5 -26.23 -24.83 6.71
N PRO A 6 -26.62 -23.45 6.44
CA PRO A 6 -26.94 -23.15 5.03
C PRO A 6 -25.69 -23.28 4.18
N ASP A 7 -25.91 -23.58 2.91
CA ASP A 7 -24.81 -23.62 1.90
C ASP A 7 -24.00 -22.32 2.03
N TYR A 8 -22.68 -22.45 1.97
CA TYR A 8 -21.65 -21.37 2.00
C TYR A 8 -21.50 -20.82 3.42
N LEU A 9 -22.60 -20.42 4.06
CA LEU A 9 -22.51 -19.89 5.44
C LEU A 9 -21.82 -20.93 6.31
N TYR A 10 -22.21 -22.20 6.21
CA TYR A 10 -21.52 -23.33 6.90
C TYR A 10 -20.73 -24.10 5.84
N ALA A 11 -19.46 -24.29 6.09
CA ALA A 11 -18.59 -25.12 5.24
C ALA A 11 -17.39 -25.61 6.07
N GLU A 12 -16.66 -26.58 5.53
CA GLU A 12 -15.51 -27.19 6.21
C GLU A 12 -14.30 -26.92 5.32
N TYR A 13 -13.28 -26.30 5.88
CA TYR A 13 -12.11 -25.78 5.14
C TYR A 13 -10.92 -26.72 5.35
N ARG A 14 -10.32 -27.13 4.24
CA ARG A 14 -9.08 -27.97 4.26
C ARG A 14 -7.87 -27.03 4.18
N ALA A 15 -6.79 -27.43 4.83
CA ALA A 15 -5.53 -26.65 4.82
C ALA A 15 -4.91 -26.82 3.44
N LEU A 16 -4.35 -25.73 2.93
CA LEU A 16 -3.61 -25.75 1.66
C LEU A 16 -2.13 -25.59 1.97
N PRO A 17 -1.24 -26.02 1.05
CA PRO A 17 0.18 -25.78 1.21
C PRO A 17 0.46 -24.27 1.22
N SER A 18 1.47 -23.87 1.99
CA SER A 18 1.96 -22.47 2.05
C SER A 18 2.20 -21.96 0.62
N PRO A 19 1.51 -20.90 0.17
CA PRO A 19 1.78 -20.33 -1.16
C PRO A 19 3.23 -19.87 -1.29
N ARG A 20 3.79 -19.28 -0.24
CA ARG A 20 5.19 -18.80 -0.29
C ARG A 20 6.11 -20.01 -0.51
N GLN A 21 5.88 -21.13 0.19
CA GLN A 21 6.73 -22.33 0.05
C GLN A 21 6.59 -22.91 -1.35
N THR A 22 5.38 -22.98 -1.89
CA THR A 22 5.15 -23.50 -3.25
C THR A 22 5.98 -22.67 -4.24
N GLY A 23 5.95 -21.34 -4.11
CA GLY A 23 6.71 -20.43 -4.98
C GLY A 23 8.21 -20.65 -4.81
N LYS A 24 8.67 -20.71 -3.57
CA LYS A 24 10.11 -20.89 -3.27
C LYS A 24 10.62 -22.17 -3.94
N ASN A 25 9.86 -23.27 -3.89
CA ASN A 25 10.28 -24.58 -4.45
C ASN A 25 10.39 -24.49 -5.97
N LEU A 26 9.61 -23.63 -6.61
CA LEU A 26 9.65 -23.47 -8.09
C LEU A 26 10.63 -22.35 -8.48
N ARG A 27 11.26 -21.68 -7.50
CA ARG A 27 12.16 -20.52 -7.71
C ARG A 27 11.38 -19.33 -8.32
N ILE A 28 10.08 -19.22 -8.04
CA ILE A 28 9.29 -18.09 -8.61
C ILE A 28 8.91 -17.04 -7.56
N GLY A 29 9.10 -17.25 -6.27
CA GLY A 29 8.64 -16.18 -5.35
C GLY A 29 7.11 -15.97 -5.32
N ASP A 30 6.67 -14.91 -4.62
CA ASP A 30 5.28 -14.83 -4.10
C ASP A 30 4.35 -14.56 -5.27
N GLY A 31 3.31 -15.38 -5.44
CA GLY A 31 2.38 -15.17 -6.55
C GLY A 31 1.15 -16.07 -6.52
N PHE A 32 1.11 -17.12 -5.69
CA PHE A 32 -0.09 -17.99 -5.59
C PHE A 32 -1.10 -17.32 -4.69
N SER A 33 -2.34 -17.79 -4.77
CA SER A 33 -3.47 -17.07 -4.16
C SER A 33 -3.50 -17.26 -2.64
N LYS A 34 -3.43 -16.16 -1.91
CA LYS A 34 -3.63 -16.18 -0.45
C LYS A 34 -5.13 -16.32 -0.15
N TYR A 35 -5.99 -16.16 -1.14
CA TYR A 35 -7.47 -16.09 -0.99
C TYR A 35 -8.14 -17.37 -1.50
N ASP A 36 -7.37 -18.42 -1.75
CA ASP A 36 -7.82 -19.66 -2.44
C ASP A 36 -9.01 -20.30 -1.70
N ASN A 37 -9.00 -20.29 -0.37
CA ASN A 37 -10.10 -20.86 0.46
C ASN A 37 -11.27 -19.88 0.50
N MET A 38 -11.81 -19.55 -0.66
CA MET A 38 -12.95 -18.61 -0.76
C MET A 38 -14.18 -19.23 -0.09
N THR A 39 -15.03 -18.39 0.48
CA THR A 39 -16.20 -18.87 1.26
C THR A 39 -17.50 -18.77 0.48
N GLY A 40 -17.62 -17.82 -0.43
CA GLY A 40 -18.93 -17.49 -1.02
C GLY A 40 -19.82 -16.75 -0.05
N VAL A 41 -19.24 -16.19 1.01
CA VAL A 41 -19.99 -15.42 2.03
C VAL A 41 -19.64 -13.95 1.89
N TYR A 42 -20.66 -13.10 1.97
CA TYR A 42 -20.53 -11.63 1.93
C TYR A 42 -20.88 -11.09 3.32
N LEU A 43 -19.99 -10.29 3.88
CA LEU A 43 -20.20 -9.65 5.19
C LEU A 43 -20.48 -8.16 4.99
N GLU A 44 -21.71 -7.74 5.32
CA GLU A 44 -22.12 -6.30 5.29
C GLU A 44 -21.40 -5.57 6.43
N LYS A 45 -21.32 -4.25 6.34
CA LYS A 45 -20.81 -3.40 7.44
C LYS A 45 -21.57 -3.76 8.72
N GLY A 46 -20.86 -3.92 9.83
CA GLY A 46 -21.46 -4.16 11.15
C GLY A 46 -20.77 -5.28 11.90
N ARG A 47 -21.38 -5.71 13.00
CA ARG A 47 -20.79 -6.69 13.92
C ARG A 47 -21.23 -8.08 13.47
N HIS A 48 -20.28 -8.98 13.29
CA HIS A 48 -20.54 -10.34 12.78
C HIS A 48 -20.10 -11.37 13.81
N VAL A 49 -20.71 -12.54 13.71
CA VAL A 49 -20.31 -13.70 14.53
C VAL A 49 -19.90 -14.81 13.58
N VAL A 50 -18.71 -15.34 13.82
CA VAL A 50 -18.11 -16.43 13.03
C VAL A 50 -17.77 -17.55 14.01
N LEU A 51 -18.36 -18.72 13.80
CA LEU A 51 -18.11 -19.90 14.65
C LEU A 51 -17.07 -20.75 13.98
N VAL A 52 -16.05 -21.14 14.74
CA VAL A 52 -14.96 -22.02 14.24
C VAL A 52 -14.97 -23.32 15.03
N GLY A 53 -14.90 -24.45 14.31
CA GLY A 53 -14.83 -25.79 14.90
C GLY A 53 -13.45 -26.09 15.44
N LYS A 54 -13.19 -27.38 15.70
CA LYS A 54 -11.92 -27.83 16.31
C LYS A 54 -10.77 -27.47 15.36
N THR A 55 -9.80 -26.69 15.86
CA THR A 55 -8.61 -26.23 15.11
C THR A 55 -7.42 -27.14 15.36
N GLU A 56 -7.45 -27.97 16.41
CA GLU A 56 -6.28 -28.79 16.85
C GLU A 56 -5.05 -27.87 16.91
N GLY A 57 -5.24 -26.63 17.36
CA GLY A 57 -4.18 -25.63 17.54
C GLY A 57 -3.64 -25.06 16.24
N GLN A 58 -4.20 -25.41 15.07
CA GLN A 58 -3.74 -24.90 13.74
C GLN A 58 -4.03 -23.40 13.66
N GLU A 59 -3.19 -22.65 12.95
CA GLU A 59 -3.39 -21.20 12.67
C GLU A 59 -4.40 -21.07 11.53
N ILE A 60 -5.49 -20.33 11.77
CA ILE A 60 -6.53 -20.05 10.73
C ILE A 60 -6.98 -18.60 10.91
N SER A 61 -7.19 -17.89 9.82
CA SER A 61 -7.54 -16.45 9.88
C SER A 61 -8.57 -16.12 8.79
N LEU A 62 -9.19 -14.97 8.95
CA LEU A 62 -10.22 -14.45 8.03
C LEU A 62 -9.61 -13.31 7.24
N LEU A 63 -9.74 -13.36 5.91
CA LEU A 63 -9.31 -12.27 5.00
C LEU A 63 -10.55 -11.56 4.48
N LEU A 64 -10.54 -10.24 4.55
CA LEU A 64 -11.63 -9.38 4.03
C LEU A 64 -10.99 -8.37 3.10
N PRO A 65 -10.77 -8.74 1.82
CA PRO A 65 -10.09 -7.85 0.89
C PRO A 65 -11.03 -6.77 0.37
N ASN A 66 -10.49 -5.58 0.16
CA ASN A 66 -11.23 -4.47 -0.48
C ASN A 66 -11.01 -4.55 -1.98
N LEU A 67 -11.68 -5.50 -2.62
CA LEU A 67 -11.58 -5.72 -4.08
C LEU A 67 -12.22 -4.57 -4.86
N MET A 68 -13.13 -3.81 -4.25
CA MET A 68 -13.78 -2.68 -4.97
C MET A 68 -13.12 -1.35 -4.62
N ARG A 69 -11.91 -1.37 -4.07
CA ARG A 69 -11.19 -0.14 -3.69
C ARG A 69 -10.97 0.72 -4.93
N LYS A 70 -11.41 1.95 -4.88
CA LYS A 70 -11.23 2.90 -5.99
C LYS A 70 -10.41 4.09 -5.52
N PRO A 71 -9.76 4.77 -6.47
CA PRO A 71 -9.12 6.04 -6.16
C PRO A 71 -10.17 7.04 -5.66
N ALA A 72 -9.75 7.92 -4.77
CA ALA A 72 -10.63 8.99 -4.22
C ALA A 72 -11.04 9.90 -5.39
N GLU A 73 -12.13 10.66 -5.23
CA GLU A 73 -12.59 11.61 -6.28
C GLU A 73 -11.47 12.56 -6.70
N GLY A 74 -11.24 12.68 -8.00
CA GLY A 74 -10.24 13.59 -8.58
C GLY A 74 -8.82 13.03 -8.52
N VAL A 75 -8.65 11.83 -7.96
CA VAL A 75 -7.32 11.15 -7.90
C VAL A 75 -7.14 10.34 -9.18
N GLN A 76 -6.10 10.61 -9.95
CA GLN A 76 -5.79 9.87 -11.18
C GLN A 76 -5.43 8.44 -10.76
N PRO A 77 -6.05 7.42 -11.37
CA PRO A 77 -5.94 6.06 -10.83
C PRO A 77 -4.49 5.59 -10.65
N THR A 78 -3.54 5.94 -11.51
CA THR A 78 -2.16 5.43 -11.32
C THR A 78 -1.44 6.25 -10.24
N LYS A 79 -1.99 7.42 -9.88
CA LYS A 79 -1.39 8.34 -8.86
C LYS A 79 -2.09 8.18 -7.51
N ASP A 80 -2.64 7.01 -7.26
CA ASP A 80 -3.39 6.74 -6.02
C ASP A 80 -2.44 6.60 -4.83
N PRO A 81 -2.57 7.44 -3.78
CA PRO A 81 -1.72 7.28 -2.60
C PRO A 81 -1.83 5.88 -1.95
N ASN A 82 -2.96 5.21 -2.15
CA ASN A 82 -3.22 3.85 -1.62
C ASN A 82 -2.44 2.80 -2.43
N GLY A 83 -1.84 3.17 -3.55
CA GLY A 83 -1.10 2.23 -4.39
C GLY A 83 -2.04 1.31 -5.17
N TRP A 84 -1.46 0.27 -5.75
CA TRP A 84 -2.20 -0.65 -6.66
C TRP A 84 -2.50 -1.99 -5.98
N GLY A 85 -2.03 -2.21 -4.75
CA GLY A 85 -2.11 -3.51 -4.09
C GLY A 85 -3.50 -3.85 -3.62
N LEU A 86 -3.74 -5.13 -3.33
CA LEU A 86 -5.04 -5.57 -2.78
C LEU A 86 -5.02 -5.33 -1.28
N HIS A 87 -5.71 -4.27 -0.85
CA HIS A 87 -5.84 -3.97 0.60
C HIS A 87 -6.76 -5.01 1.25
N LYS A 88 -6.48 -5.41 2.48
CA LYS A 88 -7.38 -6.35 3.20
C LYS A 88 -7.26 -6.16 4.70
N LYS A 89 -8.31 -6.57 5.40
CA LYS A 89 -8.26 -6.85 6.86
C LYS A 89 -7.97 -8.33 7.02
N GLN A 90 -7.05 -8.69 7.92
CA GLN A 90 -6.77 -10.09 8.26
C GLN A 90 -7.03 -10.25 9.76
N ILE A 91 -7.95 -11.13 10.10
CA ILE A 91 -8.41 -11.29 11.52
C ILE A 91 -8.09 -12.72 11.92
N PRO A 92 -7.21 -12.93 12.92
CA PRO A 92 -6.95 -14.26 13.44
C PRO A 92 -8.27 -14.83 14.00
N LEU A 93 -8.54 -16.09 13.72
CA LEU A 93 -9.72 -16.81 14.25
C LEU A 93 -9.29 -17.80 15.34
N LYS A 94 -10.16 -18.00 16.30
CA LYS A 94 -9.97 -18.98 17.40
C LYS A 94 -11.12 -19.97 17.34
N GLU A 95 -10.89 -21.18 17.82
CA GLU A 95 -11.96 -22.18 18.05
C GLU A 95 -13.10 -21.51 18.84
N GLY A 96 -14.33 -21.74 18.41
CA GLY A 96 -15.55 -21.25 19.08
C GLY A 96 -16.04 -19.94 18.51
N ILE A 97 -16.55 -19.06 19.36
CA ILE A 97 -17.21 -17.79 18.93
C ILE A 97 -16.14 -16.75 18.60
N ASN A 98 -16.27 -16.10 17.45
CA ASN A 98 -15.44 -14.93 17.04
C ASN A 98 -16.36 -13.77 16.71
N ILE A 99 -16.14 -12.64 17.39
CA ILE A 99 -16.89 -11.38 17.15
C ILE A 99 -16.00 -10.50 16.27
N ILE A 100 -16.50 -10.13 15.11
CA ILE A 100 -15.71 -9.39 14.09
C ILE A 100 -16.50 -8.15 13.65
N ASP A 101 -15.85 -7.00 13.81
CA ASP A 101 -16.41 -5.71 13.35
C ASP A 101 -15.91 -5.51 11.92
N VAL A 102 -16.86 -5.43 10.99
CA VAL A 102 -16.60 -5.18 9.55
C VAL A 102 -16.94 -3.71 9.28
N GLU A 103 -15.92 -2.93 8.91
CA GLU A 103 -16.03 -1.47 8.63
C GLU A 103 -16.49 -1.24 7.19
N THR A 104 -16.07 -2.10 6.27
CA THR A 104 -16.33 -2.00 4.82
C THR A 104 -16.84 -3.35 4.36
N PRO A 105 -18.00 -3.43 3.66
CA PRO A 105 -18.57 -4.71 3.26
C PRO A 105 -17.52 -5.47 2.45
N ALA A 106 -17.44 -6.79 2.66
CA ALA A 106 -16.39 -7.59 2.01
C ALA A 106 -16.86 -9.02 1.80
N ASN A 107 -16.38 -9.61 0.69
CA ASN A 107 -16.39 -11.07 0.54
C ASN A 107 -15.39 -11.65 1.53
N ALA A 108 -15.70 -12.83 2.06
CA ALA A 108 -14.86 -13.48 3.08
C ALA A 108 -14.05 -14.60 2.42
N TYR A 109 -12.81 -14.72 2.85
CA TYR A 109 -11.87 -15.77 2.42
C TYR A 109 -11.21 -16.32 3.67
N ILE A 110 -11.19 -17.64 3.80
CA ILE A 110 -10.46 -18.29 4.91
C ILE A 110 -8.99 -18.42 4.50
N SER A 111 -8.08 -18.08 5.40
CA SER A 111 -6.63 -18.32 5.26
C SER A 111 -6.25 -19.48 6.16
N TYR A 112 -6.10 -20.66 5.58
CA TYR A 112 -5.75 -21.91 6.30
C TYR A 112 -4.65 -22.61 5.50
N PHE A 113 -3.42 -22.32 5.90
CA PHE A 113 -2.22 -22.82 5.20
C PHE A 113 -1.34 -23.58 6.19
N THR A 114 -0.67 -24.63 5.74
CA THR A 114 0.11 -25.52 6.65
C THR A 114 1.31 -26.07 5.90
N GLU A 115 2.32 -26.52 6.66
CA GLU A 115 3.57 -27.16 6.18
C GLU A 115 3.38 -28.68 6.07
N ASP A 116 2.35 -29.25 6.72
CA ASP A 116 1.92 -30.67 6.52
C ASP A 116 0.45 -30.70 6.06
N ALA A 117 0.17 -30.37 4.79
CA ALA A 117 -1.20 -30.14 4.24
C ALA A 117 -2.06 -31.39 4.45
N GLY A 118 -1.48 -32.57 4.21
CA GLY A 118 -2.19 -33.87 4.28
C GLY A 118 -2.64 -34.22 5.68
N LYS A 119 -1.97 -33.69 6.71
CA LYS A 119 -2.14 -34.10 8.13
C LYS A 119 -2.64 -32.92 8.96
N ALA A 120 -3.47 -32.05 8.38
CA ALA A 120 -4.18 -30.95 9.07
C ALA A 120 -5.67 -31.25 9.07
N PRO A 121 -6.43 -30.93 10.13
CA PRO A 121 -7.85 -31.26 10.18
C PRO A 121 -8.65 -30.33 9.25
N LYS A 122 -9.77 -30.82 8.71
CA LYS A 122 -10.80 -29.95 8.08
C LYS A 122 -11.42 -29.16 9.22
N ILE A 123 -11.52 -27.84 9.08
CA ILE A 123 -12.04 -26.94 10.15
C ILE A 123 -13.38 -26.38 9.67
N PRO A 124 -14.48 -26.70 10.37
CA PRO A 124 -15.75 -26.05 10.11
C PRO A 124 -15.68 -24.56 10.47
N VAL A 125 -16.22 -23.73 9.58
CA VAL A 125 -16.43 -22.29 9.84
C VAL A 125 -17.86 -21.94 9.43
N HIS A 126 -18.60 -21.37 10.36
CA HIS A 126 -20.02 -20.98 10.16
C HIS A 126 -20.17 -19.47 10.32
N PHE A 127 -20.41 -18.78 9.22
CA PHE A 127 -20.72 -17.33 9.17
C PHE A 127 -22.20 -17.16 9.49
N VAL A 128 -22.52 -17.20 10.78
CA VAL A 128 -23.93 -17.25 11.25
C VAL A 128 -24.65 -15.92 11.02
N THR A 129 -23.94 -14.83 10.67
CA THR A 129 -24.54 -13.50 10.38
C THR A 129 -24.23 -13.06 8.95
N GLY A 130 -23.66 -13.94 8.13
CA GLY A 130 -23.29 -13.63 6.73
C GLY A 130 -24.43 -13.81 5.75
N LYS A 131 -24.21 -13.36 4.52
CA LYS A 131 -25.12 -13.60 3.37
C LYS A 131 -24.42 -14.51 2.39
N ALA A 132 -25.15 -15.45 1.81
CA ALA A 132 -24.57 -16.40 0.84
C ALA A 132 -24.55 -15.71 -0.53
N ASN A 133 -23.38 -15.31 -0.98
CA ASN A 133 -23.14 -14.85 -2.36
C ASN A 133 -22.97 -16.06 -3.30
N GLY A 134 -22.46 -17.17 -2.75
CA GLY A 134 -22.06 -18.33 -3.54
C GLY A 134 -20.76 -18.06 -4.28
N TYR A 135 -20.32 -19.06 -5.00
CA TYR A 135 -19.16 -18.93 -5.93
C TYR A 135 -19.37 -19.94 -7.05
N PHE A 136 -18.63 -19.74 -8.13
CA PHE A 136 -18.66 -20.63 -9.30
C PHE A 136 -17.42 -21.52 -9.24
N ASP A 137 -17.60 -22.82 -9.40
CA ASP A 137 -16.47 -23.78 -9.29
C ASP A 137 -16.64 -24.85 -10.35
N THR A 138 -15.86 -24.77 -11.42
CA THR A 138 -16.01 -25.76 -12.52
C THR A 138 -15.62 -27.16 -12.01
N THR A 139 -14.72 -27.26 -11.02
CA THR A 139 -14.23 -28.57 -10.52
C THR A 139 -15.33 -29.26 -9.71
N ARG A 140 -16.33 -28.49 -9.23
CA ARG A 140 -17.46 -29.03 -8.46
C ARG A 140 -18.50 -29.64 -9.40
N GLY A 141 -18.48 -29.27 -10.68
CA GLY A 141 -19.49 -29.73 -11.64
C GLY A 141 -20.40 -28.59 -12.08
N ASP A 142 -20.14 -27.38 -11.63
CA ASP A 142 -21.03 -26.23 -11.96
C ASP A 142 -21.11 -26.05 -13.47
N THR A 143 -22.26 -25.62 -13.97
CA THR A 143 -22.49 -25.35 -15.41
C THR A 143 -22.82 -23.87 -15.60
N ASN A 144 -22.99 -23.47 -16.86
CA ASN A 144 -23.43 -22.10 -17.19
C ASN A 144 -24.80 -21.79 -16.58
N LYS A 145 -25.64 -22.81 -16.33
CA LYS A 145 -26.93 -22.54 -15.63
C LYS A 145 -26.66 -22.00 -14.22
N ASP A 146 -25.69 -22.61 -13.55
CA ASP A 146 -25.26 -22.16 -12.20
C ASP A 146 -24.65 -20.76 -12.30
N TRP A 147 -23.78 -20.54 -13.30
CA TRP A 147 -23.14 -19.22 -13.52
C TRP A 147 -24.21 -18.11 -13.59
N VAL A 148 -25.22 -18.30 -14.43
CA VAL A 148 -26.26 -17.26 -14.65
C VAL A 148 -26.97 -17.02 -13.32
N ARG A 149 -27.33 -18.08 -12.61
CA ARG A 149 -28.03 -17.97 -11.31
C ARG A 149 -27.15 -17.20 -10.32
N LEU A 150 -25.87 -17.55 -10.25
CA LEU A 150 -24.97 -16.87 -9.28
C LEU A 150 -24.94 -15.37 -9.58
N LEU A 151 -24.78 -14.96 -10.84
CA LEU A 151 -24.68 -13.53 -11.17
C LEU A 151 -26.02 -12.84 -10.86
N ASP A 152 -27.12 -13.51 -11.16
CA ASP A 152 -28.47 -12.90 -10.98
C ASP A 152 -28.79 -12.77 -9.49
N GLN A 153 -28.33 -13.69 -8.64
CA GLN A 153 -28.68 -13.75 -7.19
C GLN A 153 -27.62 -13.07 -6.33
N ALA A 154 -26.54 -12.56 -6.91
CA ALA A 154 -25.40 -12.05 -6.12
C ALA A 154 -25.86 -10.95 -5.18
N VAL A 155 -25.35 -10.98 -3.95
CA VAL A 155 -25.56 -9.91 -2.94
C VAL A 155 -24.34 -8.99 -2.88
N SER A 156 -23.21 -9.41 -3.47
CA SER A 156 -21.93 -8.66 -3.47
C SER A 156 -21.71 -8.07 -4.85
N PRO A 157 -20.95 -6.96 -4.96
CA PRO A 157 -20.52 -6.49 -6.27
C PRO A 157 -19.49 -7.44 -6.93
N ILE A 158 -18.90 -8.34 -6.14
CA ILE A 158 -17.84 -9.28 -6.61
C ILE A 158 -18.38 -10.70 -6.63
N MET A 159 -18.13 -11.40 -7.73
CA MET A 159 -18.34 -12.85 -7.79
C MET A 159 -16.98 -13.55 -7.79
N ASP A 160 -16.89 -14.54 -6.92
CA ASP A 160 -15.71 -15.45 -6.82
C ASP A 160 -15.94 -16.63 -7.74
N ALA A 161 -14.88 -17.08 -8.39
CA ALA A 161 -14.96 -18.26 -9.27
C ALA A 161 -13.63 -18.99 -9.22
N ARG A 162 -13.68 -20.29 -9.48
CA ARG A 162 -12.41 -21.05 -9.62
C ARG A 162 -12.57 -22.14 -10.68
N GLY A 163 -11.42 -22.53 -11.22
CA GLY A 163 -11.26 -23.76 -11.98
C GLY A 163 -10.22 -24.63 -11.31
N LYS A 164 -9.51 -25.41 -12.11
CA LYS A 164 -8.45 -26.30 -11.59
C LYS A 164 -7.28 -25.44 -11.09
N TYR A 165 -6.89 -24.44 -11.86
CA TYR A 165 -5.64 -23.65 -11.61
C TYR A 165 -5.95 -22.20 -11.26
N ILE A 166 -7.05 -21.68 -11.77
CA ILE A 166 -7.38 -20.24 -11.70
C ILE A 166 -8.37 -19.98 -10.57
N GLN A 167 -8.17 -18.85 -9.90
CA GLN A 167 -9.20 -18.21 -9.06
C GLN A 167 -9.47 -16.84 -9.67
N VAL A 168 -10.74 -16.42 -9.70
CA VAL A 168 -11.14 -15.12 -10.27
C VAL A 168 -11.95 -14.38 -9.23
N ALA A 169 -11.71 -13.07 -9.11
CA ALA A 169 -12.57 -12.17 -8.30
C ALA A 169 -12.82 -10.91 -9.13
N TYR A 170 -13.94 -10.89 -9.83
CA TYR A 170 -14.31 -9.80 -10.76
C TYR A 170 -15.68 -9.26 -10.38
N PRO A 171 -15.98 -8.01 -10.79
CA PRO A 171 -17.30 -7.45 -10.52
C PRO A 171 -18.38 -8.16 -11.35
N VAL A 172 -19.48 -8.46 -10.68
CA VAL A 172 -20.72 -9.00 -11.32
C VAL A 172 -21.11 -8.19 -12.55
N GLU A 173 -21.02 -6.86 -12.47
CA GLU A 173 -21.41 -5.94 -13.59
C GLU A 173 -20.67 -6.36 -14.87
N PHE A 174 -19.35 -6.60 -14.78
CA PHE A 174 -18.53 -6.89 -15.97
C PHE A 174 -18.76 -8.33 -16.43
N LEU A 175 -18.93 -9.24 -15.48
CA LEU A 175 -19.22 -10.66 -15.81
C LEU A 175 -20.54 -10.73 -16.59
N LYS A 176 -21.56 -10.00 -16.15
CA LYS A 176 -22.85 -9.99 -16.88
C LYS A 176 -22.66 -9.40 -18.28
N LYS A 177 -21.89 -8.32 -18.39
CA LYS A 177 -21.80 -7.54 -19.65
C LYS A 177 -20.98 -8.30 -20.69
N PHE A 178 -19.85 -8.89 -20.28
CA PHE A 178 -18.87 -9.44 -21.23
C PHE A 178 -18.88 -10.96 -21.23
N THR A 179 -18.86 -11.60 -20.08
CA THR A 179 -18.90 -13.09 -20.03
C THR A 179 -20.29 -13.55 -20.46
N LYS A 180 -21.32 -12.83 -20.02
CA LYS A 180 -22.74 -13.20 -20.22
C LYS A 180 -22.95 -14.58 -19.59
N ASP A 181 -23.45 -15.57 -20.33
CA ASP A 181 -23.78 -16.89 -19.75
C ASP A 181 -22.55 -17.80 -19.73
N ARG A 182 -21.39 -17.36 -20.23
CA ARG A 182 -20.29 -18.29 -20.64
C ARG A 182 -19.24 -18.44 -19.51
N GLY A 183 -19.67 -18.71 -18.29
CA GLY A 183 -18.76 -18.84 -17.13
C GLY A 183 -17.83 -20.03 -17.31
N THR A 184 -18.34 -21.16 -17.79
CA THR A 184 -17.52 -22.36 -17.98
C THR A 184 -16.44 -22.06 -19.01
N GLU A 185 -16.80 -21.43 -20.11
CA GLU A 185 -15.84 -21.12 -21.19
C GLU A 185 -14.75 -20.19 -20.63
N LEU A 186 -15.12 -19.21 -19.81
CA LEU A 186 -14.12 -18.25 -19.30
C LEU A 186 -13.15 -18.98 -18.38
N ILE A 187 -13.68 -19.72 -17.40
CA ILE A 187 -12.79 -20.38 -16.42
C ILE A 187 -11.95 -21.41 -17.18
N ASN A 188 -12.53 -22.13 -18.14
CA ASN A 188 -11.74 -23.12 -18.92
C ASN A 188 -10.64 -22.40 -19.70
N ALA A 189 -10.90 -21.23 -20.26
CA ALA A 189 -9.89 -20.46 -21.02
C ALA A 189 -8.73 -20.09 -20.08
N TYR A 190 -9.04 -19.60 -18.89
CA TYR A 190 -8.02 -19.22 -17.90
C TYR A 190 -7.20 -20.46 -17.53
N ASP A 191 -7.86 -21.58 -17.21
CA ASP A 191 -7.15 -22.84 -16.87
C ASP A 191 -6.25 -23.27 -18.02
N LYS A 192 -6.72 -23.14 -19.26
CA LYS A 192 -5.91 -23.51 -20.44
C LYS A 192 -4.65 -22.65 -20.44
N LEU A 193 -4.80 -21.35 -20.24
CA LEU A 193 -3.65 -20.42 -20.35
C LEU A 193 -2.65 -20.68 -19.22
N ILE A 194 -3.10 -20.95 -18.01
CA ILE A 194 -2.15 -21.31 -16.92
C ILE A 194 -1.54 -22.67 -17.25
N GLY A 195 -2.34 -23.65 -17.67
CA GLY A 195 -1.80 -25.00 -17.90
C GLY A 195 -0.72 -25.03 -18.95
N ILE A 196 -0.81 -24.15 -19.94
CA ILE A 196 0.23 -24.03 -20.98
C ILE A 196 1.55 -23.67 -20.30
N GLN A 197 1.50 -22.79 -19.32
CA GLN A 197 2.72 -22.35 -18.61
C GLN A 197 3.23 -23.50 -17.72
N TYR A 198 2.38 -24.16 -16.98
CA TYR A 198 2.78 -25.31 -16.14
C TYR A 198 3.44 -26.39 -17.00
N GLN A 199 2.92 -26.61 -18.21
CA GLN A 199 3.49 -27.64 -19.10
C GLN A 199 4.89 -27.20 -19.54
N LEU A 200 5.05 -25.94 -19.95
CA LEU A 200 6.34 -25.43 -20.43
C LEU A 200 7.36 -25.40 -19.29
N MET A 201 6.91 -25.22 -18.05
CA MET A 201 7.77 -25.24 -16.85
C MET A 201 8.18 -26.66 -16.48
N GLY A 202 7.60 -27.69 -17.11
CA GLY A 202 7.80 -29.09 -16.75
C GLY A 202 7.10 -29.52 -15.49
N LEU A 203 6.10 -28.77 -15.02
CA LEU A 203 5.43 -29.18 -13.76
C LEU A 203 4.65 -30.48 -13.97
N ASP A 204 4.02 -30.65 -15.13
CA ASP A 204 3.30 -31.93 -15.39
CA ASP A 204 3.31 -31.90 -15.52
C ASP A 204 4.33 -33.06 -15.48
N LYS A 205 5.42 -32.85 -16.20
CA LYS A 205 6.45 -33.91 -16.41
C LYS A 205 7.07 -34.35 -15.09
N TYR A 206 7.36 -33.42 -14.18
CA TYR A 206 8.13 -33.65 -12.94
C TYR A 206 7.22 -33.75 -11.71
N GLY A 207 5.91 -33.78 -11.90
CA GLY A 207 4.94 -34.04 -10.81
C GLY A 207 4.90 -32.91 -9.81
N LYS A 208 4.97 -31.67 -10.29
CA LYS A 208 5.10 -30.46 -9.44
C LYS A 208 3.99 -29.46 -9.78
N ILE A 209 2.87 -29.91 -10.35
CA ILE A 209 1.72 -29.01 -10.56
C ILE A 209 1.29 -28.53 -9.18
N PRO A 210 1.19 -27.21 -8.96
CA PRO A 210 0.82 -26.70 -7.65
C PRO A 210 -0.65 -27.03 -7.31
N GLU A 211 -0.91 -27.30 -6.05
CA GLU A 211 -2.31 -27.36 -5.56
C GLU A 211 -2.84 -25.92 -5.52
N ASN A 212 -1.98 -24.97 -5.18
CA ASN A 212 -2.38 -23.56 -4.98
C ASN A 212 -2.83 -22.98 -6.31
N ARG A 213 -3.90 -22.20 -6.29
CA ARG A 213 -4.39 -21.51 -7.51
C ARG A 213 -3.67 -20.18 -7.66
N VAL A 214 -3.83 -19.60 -8.83
CA VAL A 214 -3.37 -18.24 -9.20
C VAL A 214 -4.62 -17.37 -9.23
N LEU A 215 -4.60 -16.27 -8.48
CA LEU A 215 -5.72 -15.31 -8.45
C LEU A 215 -5.56 -14.27 -9.55
N ALA A 216 -6.61 -14.13 -10.37
CA ALA A 216 -6.85 -13.00 -11.27
C ALA A 216 -7.91 -12.12 -10.62
N ARG A 217 -7.53 -10.91 -10.26
CA ARG A 217 -8.46 -9.97 -9.58
C ARG A 217 -8.70 -8.76 -10.47
N VAL A 218 -9.84 -8.13 -10.25
CA VAL A 218 -10.05 -6.75 -10.74
C VAL A 218 -9.22 -5.81 -9.89
N ASN A 219 -8.89 -4.66 -10.45
CA ASN A 219 -8.36 -3.51 -9.68
C ASN A 219 -8.88 -2.26 -10.35
N PHE A 220 -8.74 -1.11 -9.68
CA PHE A 220 -9.23 0.18 -10.20
C PHE A 220 -8.08 1.18 -10.34
N ASN A 221 -6.85 0.68 -10.47
CA ASN A 221 -5.66 1.55 -10.58
C ASN A 221 -5.00 1.45 -11.96
N TYR A 222 -4.77 0.25 -12.49
CA TYR A 222 -3.94 0.08 -13.70
C TYR A 222 -4.41 -1.09 -14.55
N TYR A 223 -4.33 -0.86 -15.85
CA TYR A 223 -4.62 -1.77 -16.98
C TYR A 223 -4.38 -3.26 -16.64
N MET A 224 -3.14 -3.71 -16.58
CA MET A 224 -2.80 -5.13 -16.33
C MET A 224 -1.47 -5.14 -15.59
N PHE A 225 -1.37 -5.93 -14.54
CA PHE A 225 -0.09 -6.11 -13.85
C PHE A 225 -0.10 -7.38 -13.02
N ARG A 226 1.11 -7.71 -12.54
CA ARG A 226 1.35 -8.82 -11.61
C ARG A 226 1.92 -8.25 -10.32
N ASP A 227 1.50 -8.79 -9.20
CA ASP A 227 2.14 -8.46 -7.91
C ASP A 227 2.15 -9.73 -7.07
N GLY A 228 2.46 -9.61 -5.78
CA GLY A 228 2.59 -10.78 -4.91
C GLY A 228 1.28 -11.54 -4.77
N ASP A 229 0.14 -10.91 -5.07
CA ASP A 229 -1.19 -11.56 -4.92
C ASP A 229 -1.63 -12.25 -6.20
N GLY A 230 -0.89 -12.12 -7.29
CA GLY A 230 -1.23 -12.74 -8.58
C GLY A 230 -1.33 -11.70 -9.67
N VAL A 231 -2.35 -11.80 -10.51
CA VAL A 231 -2.52 -10.87 -11.65
C VAL A 231 -3.74 -10.00 -11.39
N ALA A 232 -3.71 -8.82 -11.97
CA ALA A 232 -4.74 -7.81 -11.75
C ALA A 232 -5.08 -7.13 -13.06
N TYR A 233 -6.38 -6.90 -13.27
CA TYR A 233 -6.92 -6.35 -14.52
C TYR A 233 -7.87 -5.19 -14.18
N LEU A 234 -7.71 -4.09 -14.90
CA LEU A 234 -8.50 -2.87 -14.64
C LEU A 234 -10.00 -3.12 -14.85
N GLY A 235 -10.80 -2.69 -13.90
CA GLY A 235 -12.28 -2.76 -13.94
C GLY A 235 -12.84 -1.63 -14.77
N ASN A 236 -12.52 -1.62 -16.05
CA ASN A 236 -13.16 -0.71 -17.03
C ASN A 236 -13.64 -1.54 -18.21
N ASP A 237 -14.53 -0.98 -19.02
CA ASP A 237 -15.04 -1.74 -20.18
C ASP A 237 -13.86 -2.17 -21.06
N GLY A 238 -12.90 -1.28 -21.34
CA GLY A 238 -11.82 -1.62 -22.30
C GLY A 238 -11.08 -2.89 -21.92
N THR A 239 -10.68 -3.00 -20.65
CA THR A 239 -9.83 -4.12 -20.20
C THR A 239 -10.73 -5.34 -19.93
N MET A 240 -11.90 -5.14 -19.34
CA MET A 240 -12.78 -6.28 -18.99
C MET A 240 -13.30 -6.91 -20.29
N ARG A 241 -13.49 -6.14 -21.35
CA ARG A 241 -13.88 -6.75 -22.66
C ARG A 241 -12.77 -7.70 -23.13
N MET A 242 -11.52 -7.34 -22.90
CA MET A 242 -10.37 -8.14 -23.37
C MET A 242 -10.30 -9.46 -22.58
N VAL A 243 -10.48 -9.40 -21.25
CA VAL A 243 -10.12 -10.58 -20.42
C VAL A 243 -11.33 -11.32 -19.87
N THR A 244 -12.53 -10.73 -19.84
CA THR A 244 -13.71 -11.40 -19.24
C THR A 244 -14.63 -11.97 -20.31
N ASP A 245 -14.37 -11.66 -21.59
CA ASP A 245 -15.05 -12.34 -22.73
C ASP A 245 -14.19 -13.55 -23.06
N PRO A 246 -14.72 -14.78 -22.95
CA PRO A 246 -13.90 -15.98 -23.10
C PRO A 246 -13.38 -16.19 -24.52
N GLU A 247 -14.03 -15.62 -25.53
CA GLU A 247 -13.49 -15.66 -26.92
C GLU A 247 -12.32 -14.67 -27.00
N ASN A 248 -12.50 -13.45 -26.48
CA ASN A 248 -11.47 -12.41 -26.63
C ASN A 248 -10.18 -12.81 -25.93
N VAL A 249 -10.27 -13.43 -24.75
CA VAL A 249 -9.05 -13.63 -23.94
C VAL A 249 -8.16 -14.67 -24.62
N LEU A 250 -8.67 -15.46 -25.56
CA LEU A 250 -7.83 -16.45 -26.29
C LEU A 250 -7.35 -15.87 -27.64
N LYS A 251 -7.55 -14.58 -27.88
CA LYS A 251 -7.15 -13.95 -29.17
C LYS A 251 -6.13 -12.83 -28.95
N GLY A 252 -5.15 -12.79 -29.84
CA GLY A 252 -4.25 -11.66 -30.07
C GLY A 252 -3.74 -11.01 -28.80
N ASP A 253 -3.88 -9.69 -28.72
CA ASP A 253 -3.23 -8.92 -27.64
C ASP A 253 -3.86 -9.26 -26.29
N ALA A 254 -5.13 -9.69 -26.22
CA ALA A 254 -5.76 -10.04 -24.92
C ALA A 254 -5.10 -11.32 -24.39
N CYS A 255 -4.92 -12.30 -25.26
CA CYS A 255 -4.22 -13.56 -24.93
C CYS A 255 -2.78 -13.25 -24.51
N TRP A 256 -2.13 -12.37 -25.24
CA TRP A 256 -0.74 -11.96 -24.94
C TRP A 256 -0.71 -11.30 -23.56
N GLY A 257 -1.60 -10.34 -23.31
CA GLY A 257 -1.58 -9.60 -22.03
C GLY A 257 -1.84 -10.51 -20.85
N PHE A 258 -2.81 -11.41 -20.95
CA PHE A 258 -3.16 -12.35 -19.85
C PHE A 258 -1.96 -13.27 -19.63
N SER A 259 -1.43 -13.82 -20.72
CA SER A 259 -0.31 -14.79 -20.65
C SER A 259 0.93 -14.10 -20.09
N HIS A 260 1.18 -12.86 -20.50
CA HIS A 260 2.34 -12.07 -20.04
C HIS A 260 2.25 -11.86 -18.53
N ALA A 261 1.09 -11.45 -18.03
CA ALA A 261 0.88 -11.18 -16.60
C ALA A 261 1.07 -12.47 -15.81
N VAL A 262 0.42 -13.56 -16.22
CA VAL A 262 0.62 -14.84 -15.52
C VAL A 262 2.09 -15.26 -15.66
N GLY A 263 2.72 -14.97 -16.81
CA GLY A 263 4.13 -15.27 -17.05
C GLY A 263 5.02 -14.61 -16.03
N HIS A 264 4.65 -13.43 -15.54
CA HIS A 264 5.39 -12.79 -14.44
C HIS A 264 5.28 -13.64 -13.17
N VAL A 265 4.11 -14.19 -12.88
CA VAL A 265 3.95 -15.11 -11.73
C VAL A 265 4.90 -16.29 -11.92
N MET A 266 5.00 -16.83 -13.14
CA MET A 266 5.67 -18.14 -13.35
C MET A 266 7.15 -18.02 -13.73
N GLN A 267 7.67 -16.81 -13.97
CA GLN A 267 9.07 -16.68 -14.43
C GLN A 267 10.02 -16.98 -13.26
N MET A 268 10.95 -17.91 -13.46
CA MET A 268 11.82 -18.40 -12.36
C MET A 268 13.04 -17.48 -12.25
N ARG A 269 13.54 -17.33 -11.02
CA ARG A 269 14.68 -16.41 -10.75
C ARG A 269 15.87 -16.81 -11.61
N PRO A 270 16.19 -18.12 -11.78
CA PRO A 270 17.34 -18.49 -12.63
C PRO A 270 17.21 -18.12 -14.11
N MET A 271 16.01 -17.77 -14.59
CA MET A 271 15.81 -17.27 -15.96
C MET A 271 15.45 -15.80 -15.96
N THR A 272 15.53 -15.13 -14.82
CA THR A 272 15.03 -13.74 -14.65
C THR A 272 16.06 -12.96 -13.85
N TRP A 273 17.30 -13.01 -14.29
CA TRP A 273 18.34 -12.12 -13.71
C TRP A 273 18.04 -10.68 -14.11
N GLY A 274 18.69 -9.71 -13.47
CA GLY A 274 18.45 -8.30 -13.79
C GLY A 274 18.46 -8.06 -15.28
N GLY A 275 17.44 -7.36 -15.77
CA GLY A 275 17.24 -7.04 -17.20
C GLY A 275 16.36 -8.05 -17.91
N MET A 276 15.92 -9.11 -17.22
CA MET A 276 15.12 -10.19 -17.86
C MET A 276 13.66 -10.12 -17.40
N THR A 277 13.28 -9.19 -16.52
CA THR A 277 11.92 -9.20 -15.93
C THR A 277 10.86 -9.15 -17.02
N GLU A 278 11.08 -8.35 -18.07
CA GLU A 278 10.10 -8.20 -19.17
C GLU A 278 10.53 -9.03 -20.37
N VAL A 279 11.41 -10.01 -20.16
CA VAL A 279 11.92 -10.91 -21.22
C VAL A 279 11.43 -12.35 -20.95
N SER A 280 11.83 -12.96 -19.85
CA SER A 280 11.67 -14.41 -19.65
C SER A 280 10.20 -14.79 -19.58
N ASN A 281 9.33 -13.89 -19.12
CA ASN A 281 7.89 -14.23 -19.06
C ASN A 281 7.30 -14.35 -20.47
N ASN A 282 7.89 -13.72 -21.48
CA ASN A 282 7.29 -13.73 -22.84
C ASN A 282 7.59 -15.03 -23.56
N ILE A 283 8.44 -15.90 -23.00
CA ILE A 283 8.49 -17.30 -23.51
C ILE A 283 7.09 -17.91 -23.34
N PHE A 284 6.45 -17.67 -22.20
CA PHE A 284 5.09 -18.18 -21.93
C PHE A 284 4.11 -17.54 -22.90
N SER A 285 4.23 -16.24 -23.16
CA SER A 285 3.30 -15.52 -24.07
C SER A 285 3.38 -16.13 -25.47
N LEU A 286 4.60 -16.39 -25.94
CA LEU A 286 4.79 -16.99 -27.28
C LEU A 286 4.23 -18.41 -27.31
N GLN A 287 4.47 -19.20 -26.27
CA GLN A 287 3.96 -20.60 -26.23
C GLN A 287 2.43 -20.57 -26.19
N ALA A 288 1.84 -19.68 -25.40
CA ALA A 288 0.36 -19.52 -25.33
C ALA A 288 -0.18 -19.18 -26.74
N ALA A 289 0.47 -18.26 -27.44
CA ALA A 289 0.04 -17.91 -28.82
C ALA A 289 0.07 -19.15 -29.70
N ALA A 290 1.17 -19.92 -29.64
CA ALA A 290 1.35 -21.12 -30.49
C ALA A 290 0.23 -22.13 -30.19
N LYS A 291 -0.20 -22.23 -28.93
CA LYS A 291 -1.17 -23.26 -28.51
C LYS A 291 -2.61 -22.77 -28.69
N THR A 292 -2.83 -21.52 -29.10
CA THR A 292 -4.19 -20.94 -29.20
C THR A 292 -4.49 -20.49 -30.63
N GLY A 293 -3.64 -20.85 -31.60
CA GLY A 293 -3.86 -20.47 -33.01
C GLY A 293 -3.53 -19.01 -33.29
N ASN A 294 -2.77 -18.36 -32.41
CA ASN A 294 -2.39 -16.94 -32.59
C ASN A 294 -1.05 -16.87 -33.30
N GLU A 295 -0.83 -15.81 -34.04
CA GLU A 295 0.44 -15.61 -34.73
C GLU A 295 1.52 -15.22 -33.72
N SER A 296 2.74 -15.67 -33.97
CA SER A 296 3.95 -15.28 -33.22
C SER A 296 4.15 -13.76 -33.29
N ARG A 297 4.30 -13.12 -32.14
CA ARG A 297 4.59 -11.67 -32.08
C ARG A 297 5.99 -11.39 -32.61
N LEU A 298 6.95 -12.29 -32.43
CA LEU A 298 8.31 -12.10 -32.99
C LEU A 298 8.22 -12.10 -34.52
N LYS A 299 7.41 -12.97 -35.10
CA LYS A 299 7.17 -13.00 -36.57
C LYS A 299 6.50 -11.68 -37.00
N ARG A 300 5.43 -11.29 -36.33
CA ARG A 300 4.64 -10.08 -36.71
C ARG A 300 5.54 -8.84 -36.66
N GLN A 301 6.45 -8.75 -35.69
CA GLN A 301 7.30 -7.56 -35.48
C GLN A 301 8.60 -7.64 -36.28
N GLY A 302 8.86 -8.74 -37.00
CA GLY A 302 10.15 -8.96 -37.67
C GLY A 302 11.30 -8.87 -36.68
N SER A 303 11.11 -9.43 -35.48
CA SER A 303 12.06 -9.30 -34.34
C SER A 303 13.36 -10.06 -34.59
N TYR A 304 13.35 -11.13 -35.38
CA TYR A 304 14.57 -11.95 -35.61
C TYR A 304 15.63 -11.08 -36.29
N ASP A 305 15.24 -10.38 -37.35
CA ASP A 305 16.18 -9.50 -38.07
C ASP A 305 16.59 -8.35 -37.14
N LYS A 306 15.64 -7.75 -36.43
CA LYS A 306 15.93 -6.59 -35.54
C LYS A 306 16.93 -7.00 -34.47
N ALA A 307 16.73 -8.17 -33.87
CA ALA A 307 17.59 -8.66 -32.78
C ALA A 307 19.00 -8.97 -33.31
N ARG A 308 19.08 -9.67 -34.43
CA ARG A 308 20.39 -10.00 -35.05
C ARG A 308 21.11 -8.69 -35.39
N LYS A 309 20.40 -7.67 -35.89
CA LYS A 309 21.01 -6.36 -36.21
C LYS A 309 21.54 -5.71 -34.92
N GLU A 310 20.73 -5.69 -33.86
CA GLU A 310 21.15 -4.94 -32.64
C GLU A 310 22.32 -5.65 -31.97
N ILE A 311 22.18 -6.95 -31.71
CA ILE A 311 23.11 -7.66 -30.79
C ILE A 311 24.25 -8.29 -31.57
N ILE A 312 23.94 -9.07 -32.61
CA ILE A 312 24.98 -9.89 -33.30
C ILE A 312 25.80 -8.95 -34.19
N GLU A 313 25.15 -8.23 -35.09
CA GLU A 313 25.85 -7.29 -36.02
C GLU A 313 26.46 -6.14 -35.21
N GLY A 314 25.79 -5.69 -34.14
CA GLY A 314 26.31 -4.63 -33.26
C GLY A 314 27.48 -5.09 -32.42
N GLU A 315 27.68 -6.41 -32.28
CA GLU A 315 28.74 -7.04 -31.44
C GLU A 315 28.68 -6.49 -30.01
N ILE A 316 27.47 -6.37 -29.46
CA ILE A 316 27.26 -5.87 -28.07
C ILE A 316 26.98 -7.08 -27.16
N ALA A 317 27.12 -6.88 -25.86
CA ALA A 317 26.72 -7.87 -24.85
C ALA A 317 25.20 -8.04 -24.90
N TYR A 318 24.73 -9.25 -24.69
CA TYR A 318 23.29 -9.53 -24.44
C TYR A 318 22.79 -8.56 -23.37
N LEU A 319 23.59 -8.33 -22.33
CA LEU A 319 23.25 -7.46 -21.18
C LEU A 319 23.17 -5.98 -21.60
N GLN A 320 23.63 -5.63 -22.80
CA GLN A 320 23.60 -4.24 -23.33
C GLN A 320 22.40 -4.04 -24.24
N SER A 321 21.62 -5.08 -24.55
CA SER A 321 20.44 -4.92 -25.44
C SER A 321 19.44 -3.98 -24.77
N LYS A 322 18.82 -3.11 -25.58
CA LYS A 322 17.88 -2.08 -25.07
C LYS A 322 16.46 -2.42 -25.50
N ASP A 323 16.20 -3.66 -25.91
CA ASP A 323 14.89 -4.03 -26.47
C ASP A 323 14.51 -5.41 -25.92
N VAL A 324 13.42 -5.49 -25.16
CA VAL A 324 13.04 -6.77 -24.49
C VAL A 324 12.62 -7.81 -25.52
N PHE A 325 12.15 -7.41 -26.70
CA PHE A 325 11.81 -8.41 -27.74
C PHE A 325 13.08 -8.91 -28.40
N ASN A 326 14.11 -8.07 -28.57
CA ASN A 326 15.40 -8.56 -29.09
C ASN A 326 16.00 -9.56 -28.11
N LYS A 327 15.91 -9.32 -26.80
CA LYS A 327 16.49 -10.26 -25.81
C LYS A 327 15.70 -11.58 -25.79
N LEU A 328 14.42 -11.53 -26.13
CA LEU A 328 13.54 -12.72 -26.18
C LEU A 328 13.91 -13.63 -27.36
N VAL A 329 14.39 -13.06 -28.45
CA VAL A 329 14.62 -13.82 -29.71
C VAL A 329 15.49 -15.05 -29.43
N PRO A 330 16.72 -14.96 -28.87
CA PRO A 330 17.51 -16.19 -28.67
C PRO A 330 16.81 -17.21 -27.76
N LEU A 331 16.05 -16.75 -26.76
CA LEU A 331 15.34 -17.70 -25.86
C LEU A 331 14.33 -18.50 -26.69
N TRP A 332 13.68 -17.86 -27.65
CA TRP A 332 12.64 -18.55 -28.43
C TRP A 332 13.29 -19.36 -29.54
N GLN A 333 14.41 -18.89 -30.11
CA GLN A 333 15.14 -19.70 -31.10
C GLN A 333 15.50 -21.05 -30.48
N LEU A 334 15.96 -21.08 -29.23
CA LEU A 334 16.33 -22.35 -28.56
C LEU A 334 15.11 -23.29 -28.54
N HIS A 335 13.96 -22.76 -28.16
CA HIS A 335 12.71 -23.55 -28.11
C HIS A 335 12.36 -24.06 -29.51
N LEU A 336 12.29 -23.18 -30.50
CA LEU A 336 11.84 -23.58 -31.85
C LEU A 336 12.84 -24.61 -32.42
N TYR A 337 14.13 -24.40 -32.22
CA TYR A 337 15.16 -25.30 -32.77
C TYR A 337 15.04 -26.67 -32.09
N PHE A 338 15.09 -26.71 -30.77
CA PHE A 338 15.19 -28.01 -30.05
C PHE A 338 13.87 -28.78 -30.15
N THR A 339 12.73 -28.11 -30.09
CA THR A 339 11.44 -28.84 -30.08
C THR A 339 11.19 -29.46 -31.46
N LYS A 340 11.76 -28.90 -32.53
CA LYS A 340 11.58 -29.44 -33.90
C LYS A 340 12.75 -30.33 -34.31
N ASN A 341 13.78 -30.48 -33.48
CA ASN A 341 14.96 -31.34 -33.76
C ASN A 341 15.12 -32.40 -32.66
N GLY A 342 14.01 -32.93 -32.17
CA GLY A 342 13.98 -34.16 -31.37
C GLY A 342 14.09 -33.95 -29.87
N HIS A 343 13.95 -32.69 -29.40
CA HIS A 343 13.95 -32.39 -27.95
C HIS A 343 12.67 -31.61 -27.62
N PRO A 344 11.49 -32.26 -27.73
CA PRO A 344 10.22 -31.57 -27.47
C PRO A 344 10.03 -31.07 -26.04
N ASP A 345 10.81 -31.56 -25.07
CA ASP A 345 10.68 -31.19 -23.64
C ASP A 345 11.79 -30.19 -23.28
N PHE A 346 12.31 -29.43 -24.24
CA PHE A 346 13.47 -28.53 -24.01
C PHE A 346 13.27 -27.64 -22.77
N TYR A 347 12.31 -26.72 -22.77
CA TYR A 347 12.13 -25.81 -21.61
C TYR A 347 11.66 -26.57 -20.38
N PRO A 348 10.74 -27.53 -20.47
CA PRO A 348 10.38 -28.32 -19.29
C PRO A 348 11.62 -28.87 -18.57
N ASP A 349 12.59 -29.36 -19.35
CA ASP A 349 13.82 -29.99 -18.80
C ASP A 349 14.77 -28.90 -18.30
N VAL A 350 14.92 -27.81 -19.05
CA VAL A 350 15.81 -26.69 -18.63
C VAL A 350 15.29 -26.11 -17.33
N MET A 351 13.98 -25.89 -17.21
CA MET A 351 13.45 -25.27 -15.98
C MET A 351 13.60 -26.24 -14.81
N GLU A 352 13.35 -27.53 -15.00
CA GLU A 352 13.56 -28.55 -13.93
C GLU A 352 15.04 -28.57 -13.56
N TYR A 353 15.93 -28.50 -14.54
CA TYR A 353 17.39 -28.54 -14.30
C TYR A 353 17.76 -27.34 -13.42
N LEU A 354 17.24 -26.17 -13.76
CA LEU A 354 17.58 -24.95 -12.98
C LEU A 354 16.94 -25.03 -11.59
N ARG A 355 15.73 -25.57 -11.45
CA ARG A 355 15.12 -25.73 -10.11
C ARG A 355 16.05 -26.57 -9.22
N ASN A 356 16.65 -27.62 -9.79
CA ASN A 356 17.46 -28.60 -9.03
C ASN A 356 18.90 -28.10 -8.85
N ASN A 357 19.42 -27.30 -9.77
CA ASN A 357 20.89 -27.08 -9.87
C ASN A 357 21.29 -25.62 -9.76
N ALA A 358 20.42 -24.65 -9.98
CA ALA A 358 20.84 -23.23 -10.00
C ALA A 358 21.17 -22.78 -8.58
N GLY A 359 22.03 -21.76 -8.49
CA GLY A 359 22.39 -21.13 -7.21
C GLY A 359 21.29 -20.25 -6.67
N ASN A 360 21.61 -19.56 -5.57
CA ASN A 360 20.68 -18.68 -4.84
C ASN A 360 21.30 -17.29 -4.82
N TYR A 361 20.95 -16.45 -5.78
CA TYR A 361 21.57 -15.13 -6.01
C TYR A 361 20.51 -14.03 -5.98
N GLY A 362 20.90 -12.88 -5.44
CA GLY A 362 20.09 -11.66 -5.45
C GLY A 362 20.90 -10.51 -5.98
N GLY A 363 20.21 -9.46 -6.43
CA GLY A 363 20.82 -8.19 -6.84
C GLY A 363 21.90 -8.40 -7.88
N ASN A 364 23.09 -7.85 -7.64
CA ASN A 364 24.17 -7.83 -8.66
C ASN A 364 24.73 -9.22 -8.91
N ASP A 365 24.45 -10.18 -8.01
CA ASP A 365 24.93 -11.58 -8.15
C ASP A 365 24.04 -12.33 -9.15
N THR A 366 22.86 -11.80 -9.51
CA THR A 366 21.92 -12.53 -10.39
C THR A 366 22.51 -12.76 -11.78
N VAL A 367 23.51 -11.99 -12.19
CA VAL A 367 24.16 -12.22 -13.51
C VAL A 367 24.76 -13.63 -13.57
N LYS A 368 25.11 -14.25 -12.43
CA LYS A 368 25.62 -15.63 -12.42
C LYS A 368 24.58 -16.57 -13.05
N TYR A 369 23.30 -16.23 -12.94
CA TYR A 369 22.24 -17.06 -13.56
C TYR A 369 22.35 -17.08 -15.08
N GLN A 370 22.87 -16.04 -15.71
CA GLN A 370 22.99 -16.00 -17.18
C GLN A 370 23.86 -17.19 -17.60
N PHE A 371 24.94 -17.44 -16.86
CA PHE A 371 25.89 -18.53 -17.17
C PHE A 371 25.30 -19.88 -16.74
N GLU A 372 24.57 -19.93 -15.62
CA GLU A 372 23.90 -21.20 -15.20
C GLU A 372 22.85 -21.58 -16.24
N PHE A 373 22.17 -20.59 -16.83
CA PHE A 373 21.18 -20.84 -17.91
C PHE A 373 21.88 -21.46 -19.11
N VAL A 374 23.01 -20.89 -19.52
CA VAL A 374 23.79 -21.44 -20.66
C VAL A 374 24.14 -22.90 -20.36
N LYS A 375 24.68 -23.19 -19.18
CA LYS A 375 25.09 -24.56 -18.80
C LYS A 375 23.88 -25.50 -18.86
N ALA A 376 22.72 -25.06 -18.35
CA ALA A 376 21.51 -25.91 -18.33
C ALA A 376 21.13 -26.28 -19.77
N CYS A 377 21.12 -25.30 -20.68
CA CYS A 377 20.71 -25.52 -22.08
C CYS A 377 21.62 -26.58 -22.70
N CYS A 378 22.92 -26.49 -22.44
CA CYS A 378 23.91 -27.45 -22.99
C CYS A 378 23.70 -28.84 -22.39
N ASP A 379 23.62 -28.94 -21.08
CA ASP A 379 23.51 -30.25 -20.36
C ASP A 379 22.20 -30.96 -20.74
N VAL A 380 21.09 -30.24 -20.79
CA VAL A 380 19.76 -30.86 -21.06
C VAL A 380 19.76 -31.46 -22.45
N THR A 381 20.41 -30.80 -23.41
CA THR A 381 20.34 -31.22 -24.83
C THR A 381 21.62 -31.96 -25.24
N LYS A 382 22.59 -32.11 -24.33
CA LYS A 382 23.95 -32.65 -24.64
C LYS A 382 24.42 -32.06 -25.98
N THR A 383 24.34 -30.74 -26.08
CA THR A 383 24.74 -29.97 -27.27
C THR A 383 25.67 -28.85 -26.84
N ASP A 384 26.74 -28.64 -27.61
CA ASP A 384 27.70 -27.54 -27.37
C ASP A 384 27.14 -26.29 -28.04
N LEU A 385 26.48 -25.44 -27.25
CA LEU A 385 25.85 -24.18 -27.73
C LEU A 385 26.79 -22.98 -27.53
N THR A 386 28.10 -23.21 -27.42
CA THR A 386 29.06 -22.09 -27.24
C THR A 386 28.87 -21.04 -28.33
N ASP A 387 28.80 -21.46 -29.60
CA ASP A 387 28.78 -20.51 -30.75
C ASP A 387 27.51 -19.65 -30.67
N PHE A 388 26.37 -20.30 -30.39
CA PHE A 388 25.05 -19.62 -30.30
C PHE A 388 25.12 -18.50 -29.25
N PHE A 389 25.55 -18.85 -28.04
CA PHE A 389 25.57 -17.90 -26.90
C PHE A 389 26.66 -16.84 -27.13
N GLU A 390 27.77 -17.24 -27.75
CA GLU A 390 28.83 -16.28 -28.14
C GLU A 390 28.27 -15.22 -29.09
N LYS A 391 27.61 -15.64 -30.16
CA LYS A 391 27.04 -14.74 -31.19
C LYS A 391 26.03 -13.80 -30.57
N TRP A 392 25.18 -14.30 -29.66
CA TRP A 392 24.15 -13.48 -28.98
C TRP A 392 24.74 -12.64 -27.84
N GLY A 393 26.08 -12.63 -27.66
CA GLY A 393 26.70 -11.67 -26.72
C GLY A 393 26.64 -12.11 -25.28
N PHE A 394 26.39 -13.39 -25.00
CA PHE A 394 26.31 -13.87 -23.60
C PHE A 394 27.69 -13.87 -22.92
N PHE A 395 28.76 -13.93 -23.70
CA PHE A 395 30.12 -14.18 -23.17
C PHE A 395 30.98 -12.90 -23.24
N LYS A 396 30.39 -11.74 -23.42
CA LYS A 396 31.13 -10.45 -23.46
C LYS A 396 31.44 -10.04 -22.04
N PRO A 397 32.73 -9.99 -21.63
CA PRO A 397 33.07 -9.49 -20.30
C PRO A 397 32.87 -7.97 -20.25
N GLY A 398 32.64 -7.45 -19.04
CA GLY A 398 32.53 -6.00 -18.82
C GLY A 398 31.71 -5.66 -17.60
N LYS A 399 31.56 -4.37 -17.35
CA LYS A 399 30.71 -3.83 -16.28
C LYS A 399 29.47 -3.25 -16.97
N PHE A 400 28.31 -3.80 -16.65
CA PHE A 400 27.06 -3.52 -17.36
C PHE A 400 26.08 -2.96 -16.34
N HIS A 401 25.58 -1.76 -16.60
CA HIS A 401 24.50 -1.15 -15.79
C HIS A 401 23.17 -1.46 -16.47
N ILE A 402 22.21 -1.96 -15.69
CA ILE A 402 20.84 -2.26 -16.18
C ILE A 402 19.82 -1.64 -15.24
N GLY A 403 18.89 -0.89 -15.79
CA GLY A 403 17.65 -0.48 -15.09
C GLY A 403 16.55 -1.50 -15.39
N ASP A 404 16.10 -2.24 -14.38
CA ASP A 404 15.03 -3.26 -14.53
C ASP A 404 14.22 -3.28 -13.23
N TYR A 405 13.41 -2.24 -13.04
CA TYR A 405 12.66 -1.95 -11.79
C TYR A 405 13.71 -1.53 -10.76
N ALA A 406 14.57 -2.44 -10.34
CA ALA A 406 15.77 -2.16 -9.52
C ALA A 406 16.94 -1.78 -10.42
N GLN A 407 17.99 -1.16 -9.87
CA GLN A 407 19.25 -0.89 -10.61
C GLN A 407 20.18 -2.09 -10.40
N TYR A 408 20.83 -2.52 -11.48
CA TYR A 408 21.83 -3.62 -11.47
C TYR A 408 23.14 -3.08 -12.02
N ASP A 409 24.22 -3.45 -11.34
CA ASP A 409 25.61 -3.23 -11.77
C ASP A 409 26.28 -4.60 -11.80
N PHE A 410 26.33 -5.18 -12.99
CA PHE A 410 26.91 -6.51 -13.20
C PHE A 410 28.37 -6.38 -13.54
N ASN A 411 29.17 -7.25 -12.95
CA ASN A 411 30.61 -7.37 -13.29
C ASN A 411 30.83 -8.76 -13.86
N VAL A 412 30.81 -8.88 -15.17
CA VAL A 412 31.14 -10.15 -15.90
C VAL A 412 32.66 -10.13 -16.15
N THR A 413 33.40 -10.92 -15.38
CA THR A 413 34.87 -11.00 -15.47
C THR A 413 35.25 -11.96 -16.58
N PRO A 414 36.44 -11.79 -17.20
CA PRO A 414 36.94 -12.79 -18.13
C PRO A 414 36.97 -14.20 -17.51
N GLU A 415 37.27 -14.30 -16.21
CA GLU A 415 37.36 -15.62 -15.50
C GLU A 415 35.98 -16.29 -15.53
N MET A 416 34.93 -15.52 -15.29
CA MET A 416 33.53 -16.05 -15.29
C MET A 416 33.22 -16.63 -16.67
N VAL A 417 33.54 -15.89 -17.73
CA VAL A 417 33.26 -16.32 -19.13
C VAL A 417 34.10 -17.56 -19.43
N GLU A 418 35.41 -17.50 -19.14
CA GLU A 418 36.33 -18.62 -19.43
C GLU A 418 35.87 -19.89 -18.68
N GLU A 419 35.49 -19.77 -17.39
CA GLU A 419 35.04 -20.91 -16.56
C GLU A 419 33.84 -21.58 -17.26
N THR A 420 32.87 -20.79 -17.73
CA THR A 420 31.66 -21.34 -18.40
C THR A 420 32.06 -22.02 -19.72
N LYS A 421 32.88 -21.36 -20.55
CA LYS A 421 33.26 -21.92 -21.87
C LYS A 421 34.03 -23.22 -21.67
N LYS A 422 34.91 -23.30 -20.66
CA LYS A 422 35.72 -24.51 -20.36
C LYS A 422 34.81 -25.63 -19.85
N TRP A 423 33.83 -25.30 -19.00
CA TRP A 423 32.83 -26.29 -18.50
C TRP A 423 32.12 -26.91 -19.70
N ILE A 424 31.69 -26.11 -20.67
CA ILE A 424 30.97 -26.62 -21.88
C ILE A 424 31.94 -27.50 -22.67
N ALA A 425 33.15 -26.99 -22.94
CA ALA A 425 34.16 -27.71 -23.76
C ALA A 425 34.45 -29.09 -23.16
N GLY A 426 34.57 -29.17 -21.83
CA GLY A 426 34.89 -30.40 -21.08
C GLY A 426 33.84 -31.49 -21.25
N LYS A 427 32.60 -31.12 -21.61
CA LYS A 427 31.51 -32.11 -21.77
C LYS A 427 31.71 -32.92 -23.05
N GLY A 428 32.40 -32.36 -24.05
CA GLY A 428 32.64 -33.03 -25.35
C GLY A 428 31.35 -33.27 -26.10
N TYR A 429 30.37 -32.37 -26.00
CA TYR A 429 29.09 -32.51 -26.72
C TYR A 429 29.26 -32.08 -28.17
N PRO A 430 28.47 -32.65 -29.10
CA PRO A 430 28.45 -32.19 -30.49
C PRO A 430 27.92 -30.76 -30.61
N LYS A 431 28.47 -30.00 -31.55
CA LYS A 431 27.92 -28.67 -31.93
C LYS A 431 26.73 -28.88 -32.85
N PRO A 432 25.75 -27.95 -32.87
CA PRO A 432 24.66 -28.03 -33.85
C PRO A 432 25.23 -27.99 -35.28
N GLU A 433 24.58 -28.71 -36.20
CA GLU A 433 25.01 -28.79 -37.62
C GLU A 433 24.78 -27.43 -38.29
N THR A 434 23.75 -26.68 -37.85
CA THR A 434 23.38 -25.38 -38.45
C THR A 434 23.57 -24.28 -37.41
N ASP A 435 23.58 -23.03 -37.87
CA ASP A 435 23.72 -21.82 -37.05
C ASP A 435 22.34 -21.47 -36.49
N ILE A 436 22.08 -21.82 -35.23
CA ILE A 436 20.73 -21.61 -34.62
C ILE A 436 20.39 -20.11 -34.60
N THR A 437 21.37 -19.20 -34.59
CA THR A 437 21.08 -17.74 -34.60
C THR A 437 20.36 -17.35 -35.91
N GLU A 438 20.45 -18.16 -36.98
CA GLU A 438 19.82 -17.79 -38.27
C GLU A 438 18.35 -18.22 -38.28
N LEU A 439 17.85 -18.87 -37.24
CA LEU A 439 16.44 -19.34 -37.21
C LEU A 439 15.53 -18.12 -37.23
N SER A 440 14.52 -18.10 -38.10
CA SER A 440 13.46 -17.07 -38.13
C SER A 440 12.13 -17.76 -38.33
N GLU A 441 11.04 -17.05 -38.06
CA GLU A 441 9.69 -17.59 -38.35
C GLU A 441 9.18 -16.95 -39.65
N GLY B 4 23.36 -5.46 29.87
CA GLY B 4 23.93 -4.11 29.51
C GLY B 4 24.67 -4.16 28.19
N GLY B 5 25.15 -3.02 27.72
CA GLY B 5 25.91 -2.89 26.45
C GLY B 5 26.02 -1.45 26.01
N PRO B 6 26.43 -1.36 24.61
CA PRO B 6 26.76 0.00 24.15
C PRO B 6 25.50 0.89 24.13
N ASP B 7 25.71 2.20 24.18
CA ASP B 7 24.64 3.20 23.96
C ASP B 7 23.82 2.79 22.73
N TYR B 8 22.50 2.90 22.85
CA TYR B 8 21.48 2.67 21.79
C TYR B 8 21.31 1.18 21.54
N LEU B 9 22.39 0.46 21.26
CA LEU B 9 22.31 -1.01 21.05
C LEU B 9 21.60 -1.65 22.22
N TYR B 10 22.01 -1.30 23.44
CA TYR B 10 21.33 -1.73 24.68
C TYR B 10 20.58 -0.52 25.25
N ALA B 11 19.31 -0.72 25.51
CA ALA B 11 18.46 0.32 26.11
C ALA B 11 17.26 -0.36 26.77
N GLU B 12 16.58 0.39 27.63
CA GLU B 12 15.40 -0.09 28.37
C GLU B 12 14.22 0.76 27.90
N TYR B 13 13.17 0.11 27.42
CA TYR B 13 11.99 0.76 26.77
C TYR B 13 10.82 0.80 27.73
N ARG B 14 10.27 2.00 27.89
CA ARG B 14 9.03 2.25 28.67
C ARG B 14 7.82 2.12 27.74
N ALA B 15 6.72 1.57 28.24
CA ALA B 15 5.46 1.46 27.46
C ALA B 15 4.86 2.87 27.32
N LEU B 16 4.29 3.15 26.15
CA LEU B 16 3.58 4.42 25.88
C LEU B 16 2.09 4.15 25.79
N PRO B 17 1.24 5.18 25.98
CA PRO B 17 -0.20 5.00 25.77
C PRO B 17 -0.48 4.63 24.32
N SER B 18 -1.49 3.79 24.09
CA SER B 18 -1.98 3.40 22.75
C SER B 18 -2.24 4.65 21.92
N PRO B 19 -1.54 4.86 20.79
CA PRO B 19 -1.80 5.99 19.93
C PRO B 19 -3.26 6.01 19.44
N ARG B 20 -3.81 4.86 19.11
CA ARG B 20 -5.22 4.81 18.63
C ARG B 20 -6.14 5.28 19.74
N GLN B 21 -5.92 4.86 20.99
CA GLN B 21 -6.77 5.28 22.14
C GLN B 21 -6.62 6.79 22.37
N THR B 22 -5.40 7.33 22.30
CA THR B 22 -5.17 8.78 22.50
C THR B 22 -6.00 9.54 21.47
N GLY B 23 -5.97 9.11 20.21
CA GLY B 23 -6.72 9.72 19.10
C GLY B 23 -8.21 9.61 19.34
N LYS B 24 -8.68 8.42 19.70
CA LYS B 24 -10.12 8.18 19.97
C LYS B 24 -10.63 9.17 21.03
N ASN B 25 -9.89 9.39 22.12
CA ASN B 25 -10.31 10.26 23.24
C ASN B 25 -10.39 11.72 22.76
N LEU B 26 -9.59 12.13 21.77
CA LEU B 26 -9.62 13.51 21.24
C LEU B 26 -10.59 13.61 20.05
N ARG B 27 -11.22 12.51 19.65
CA ARG B 27 -12.12 12.41 18.47
C ARG B 27 -11.34 12.69 17.18
N ILE B 28 -10.05 12.39 17.14
CA ILE B 28 -9.24 12.58 15.91
C ILE B 28 -8.92 11.20 15.34
N GLY B 29 -8.41 11.15 14.13
CA GLY B 29 -8.15 9.81 13.56
C GLY B 29 -6.91 9.16 14.15
N ASP B 30 -6.52 8.02 13.58
CA ASP B 30 -5.14 7.50 13.67
C ASP B 30 -4.20 8.59 13.15
N GLY B 31 -3.19 8.95 13.94
CA GLY B 31 -2.25 9.99 13.49
C GLY B 31 -1.08 10.20 14.42
N PHE B 32 -1.11 9.69 15.66
CA PHE B 32 0.08 9.78 16.55
C PHE B 32 1.09 8.72 16.13
N SER B 33 2.33 8.89 16.58
CA SER B 33 3.47 8.11 16.05
C SER B 33 3.46 6.68 16.59
N LYS B 34 3.41 5.71 15.68
CA LYS B 34 3.59 4.28 16.02
C LYS B 34 5.08 4.01 16.27
N TYR B 35 5.97 4.94 15.92
CA TYR B 35 7.44 4.76 15.88
C TYR B 35 8.09 5.55 17.01
N ASP B 36 7.31 6.03 17.96
CA ASP B 36 7.75 6.96 19.04
C ASP B 36 8.92 6.36 19.83
N ASN B 37 8.89 5.06 20.11
CA ASN B 37 9.98 4.39 20.88
C ASN B 37 11.14 4.08 19.94
N MET B 38 11.74 5.12 19.39
CA MET B 38 12.88 5.00 18.48
CA MET B 38 12.87 4.95 18.47
C MET B 38 14.08 4.42 19.24
N THR B 39 14.95 3.70 18.55
CA THR B 39 16.09 3.01 19.18
C THR B 39 17.42 3.72 18.93
N GLY B 40 17.58 4.40 17.80
CA GLY B 40 18.90 4.89 17.39
C GLY B 40 19.77 3.76 16.87
N VAL B 41 19.16 2.61 16.53
CA VAL B 41 19.89 1.43 16.01
C VAL B 41 19.55 1.28 14.53
N TYR B 42 20.57 1.02 13.73
CA TYR B 42 20.46 0.74 12.29
C TYR B 42 20.78 -0.74 12.06
N LEU B 43 19.89 -1.43 11.37
CA LEU B 43 20.06 -2.86 11.02
C LEU B 43 20.32 -2.98 9.51
N GLU B 44 21.53 -3.39 9.17
CA GLU B 44 21.91 -3.63 7.75
C GLU B 44 21.20 -4.91 7.28
N LYS B 45 21.10 -5.07 5.96
CA LYS B 45 20.56 -6.31 5.36
C LYS B 45 21.30 -7.50 5.97
N GLY B 46 20.56 -8.53 6.36
CA GLY B 46 21.14 -9.78 6.86
C GLY B 46 20.40 -10.30 8.07
N ARG B 47 20.98 -11.31 8.71
CA ARG B 47 20.35 -11.97 9.87
C ARG B 47 20.82 -11.24 11.13
N HIS B 48 19.88 -10.89 11.98
CA HIS B 48 20.14 -10.14 13.22
C HIS B 48 19.68 -10.94 14.43
N VAL B 49 20.28 -10.63 15.57
CA VAL B 49 19.86 -11.18 16.86
C VAL B 49 19.46 -10.02 17.75
N VAL B 50 18.27 -10.13 18.34
CA VAL B 50 17.73 -9.15 19.29
C VAL B 50 17.41 -9.88 20.59
N LEU B 51 18.05 -9.45 21.68
CA LEU B 51 17.81 -10.03 23.02
C LEU B 51 16.80 -9.15 23.75
N VAL B 52 15.76 -9.78 24.30
CA VAL B 52 14.69 -9.05 25.03
C VAL B 52 14.69 -9.54 26.49
N GLY B 53 14.63 -8.60 27.41
CA GLY B 53 14.57 -8.88 28.86
C GLY B 53 13.17 -9.28 29.27
N LYS B 54 12.89 -9.22 30.58
CA LYS B 54 11.61 -9.69 31.16
C LYS B 54 10.48 -8.83 30.58
N THR B 55 9.52 -9.48 29.92
CA THR B 55 8.34 -8.82 29.30
C THR B 55 7.14 -8.86 30.26
N GLU B 56 7.15 -9.72 31.27
CA GLU B 56 5.99 -9.98 32.17
C GLU B 56 4.76 -10.22 31.28
N GLY B 57 4.94 -10.92 30.15
CA GLY B 57 3.88 -11.25 29.18
C GLY B 57 3.32 -10.05 28.43
N GLN B 58 3.92 -8.87 28.55
CA GLN B 58 3.47 -7.65 27.80
C GLN B 58 3.76 -7.85 26.31
N GLU B 59 2.92 -7.30 25.45
CA GLU B 59 3.11 -7.34 23.97
C GLU B 59 4.16 -6.30 23.56
N ILE B 60 5.21 -6.72 22.88
CA ILE B 60 6.27 -5.80 22.38
C ILE B 60 6.72 -6.29 21.02
N SER B 61 6.96 -5.38 20.08
CA SER B 61 7.32 -5.75 18.69
C SER B 61 8.36 -4.80 18.13
N LEU B 62 8.96 -5.21 17.04
CA LEU B 62 10.01 -4.43 16.34
C LEU B 62 9.42 -3.90 15.04
N LEU B 63 9.56 -2.60 14.81
CA LEU B 63 9.18 -1.95 13.53
C LEU B 63 10.43 -1.62 12.74
N LEU B 64 10.44 -2.00 11.47
CA LEU B 64 11.54 -1.72 10.53
C LEU B 64 10.93 -1.03 9.32
N PRO B 65 10.74 0.29 9.38
CA PRO B 65 10.12 1.00 8.26
C PRO B 65 11.11 1.23 7.12
N ASN B 66 10.60 1.21 5.90
CA ASN B 66 11.41 1.55 4.71
C ASN B 66 11.24 3.05 4.44
N LEU B 67 11.92 3.88 5.24
CA LEU B 67 11.83 5.33 5.11
C LEU B 67 12.54 5.82 3.85
N MET B 68 13.43 5.03 3.23
CA MET B 68 14.14 5.44 2.00
C MET B 68 13.50 4.79 0.79
N ARG B 69 12.27 4.29 0.91
CA ARG B 69 11.56 3.67 -0.22
C ARG B 69 11.38 4.69 -1.33
N LYS B 70 11.82 4.33 -2.52
CA LYS B 70 11.74 5.21 -3.69
C LYS B 70 10.99 4.52 -4.80
N PRO B 71 10.36 5.30 -5.67
CA PRO B 71 9.77 4.76 -6.90
C PRO B 71 10.86 4.08 -7.74
N ALA B 72 10.45 3.05 -8.48
CA ALA B 72 11.33 2.33 -9.43
C ALA B 72 11.79 3.31 -10.51
N GLU B 73 12.89 3.00 -11.19
CA GLU B 73 13.63 3.88 -12.15
C GLU B 73 12.73 4.80 -13.01
N GLY B 74 11.90 4.22 -13.89
CA GLY B 74 11.13 4.96 -14.89
C GLY B 74 9.87 5.62 -14.33
N VAL B 75 9.57 5.37 -13.05
CA VAL B 75 8.24 5.60 -12.43
C VAL B 75 8.15 7.04 -11.93
N GLN B 76 7.17 7.80 -12.42
CA GLN B 76 6.88 9.18 -11.94
C GLN B 76 6.50 9.04 -10.47
N PRO B 77 7.09 9.83 -9.54
CA PRO B 77 7.00 9.51 -8.12
C PRO B 77 5.57 9.36 -7.60
N THR B 78 4.62 10.14 -8.12
CA THR B 78 3.21 10.06 -7.65
C THR B 78 2.53 8.82 -8.23
N LYS B 79 3.10 8.21 -9.28
CA LYS B 79 2.48 7.05 -10.02
C LYS B 79 2.99 5.71 -9.50
N ASP B 80 3.44 5.68 -8.27
CA ASP B 80 4.12 4.51 -7.68
C ASP B 80 3.10 3.43 -7.33
N PRO B 81 3.22 2.21 -7.90
CA PRO B 81 2.32 1.11 -7.52
C PRO B 81 2.34 0.79 -6.02
N ASN B 82 3.44 1.12 -5.35
CA ASN B 82 3.61 0.89 -3.90
C ASN B 82 2.83 1.94 -3.09
N GLY B 83 2.27 2.96 -3.74
CA GLY B 83 1.57 4.05 -3.03
C GLY B 83 2.53 4.95 -2.27
N TRP B 84 1.97 5.76 -1.39
CA TRP B 84 2.71 6.83 -0.66
C TRP B 84 2.93 6.48 0.80
N GLY B 85 2.42 5.35 1.27
CA GLY B 85 2.44 5.03 2.71
C GLY B 85 3.81 4.59 3.18
N LEU B 86 4.00 4.58 4.50
CA LEU B 86 5.26 4.11 5.10
C LEU B 86 5.20 2.59 5.20
N HIS B 87 5.89 1.92 4.28
CA HIS B 87 6.02 0.45 4.29
C HIS B 87 6.87 0.05 5.49
N LYS B 88 6.55 -1.07 6.14
CA LYS B 88 7.36 -1.53 7.29
CA LYS B 88 7.42 -1.54 7.24
C LYS B 88 7.23 -3.04 7.43
N LYS B 89 8.23 -3.65 8.07
CA LYS B 89 8.11 -4.99 8.66
C LYS B 89 7.80 -4.79 10.13
N GLN B 90 6.85 -5.55 10.65
CA GLN B 90 6.57 -5.57 12.11
C GLN B 90 6.80 -7.00 12.61
N ILE B 91 7.71 -7.16 13.55
CA ILE B 91 8.14 -8.50 14.03
C ILE B 91 7.80 -8.58 15.51
N PRO B 92 6.88 -9.49 15.93
CA PRO B 92 6.61 -9.69 17.34
C PRO B 92 7.90 -10.16 18.01
N LEU B 93 8.19 -9.62 19.19
CA LEU B 93 9.38 -10.00 19.98
C LEU B 93 8.92 -10.85 21.18
N LYS B 94 9.75 -11.81 21.55
CA LYS B 94 9.52 -12.62 22.77
C LYS B 94 10.71 -12.42 23.71
N GLU B 95 10.48 -12.62 25.00
CA GLU B 95 11.55 -12.65 26.03
C GLU B 95 12.65 -13.59 25.54
N GLY B 96 13.90 -13.16 25.67
CA GLY B 96 15.10 -13.95 25.30
C GLY B 96 15.55 -13.67 23.88
N ILE B 97 16.02 -14.71 23.19
CA ILE B 97 16.64 -14.61 21.83
C ILE B 97 15.53 -14.44 20.79
N ASN B 98 15.75 -13.49 19.87
CA ASN B 98 14.94 -13.30 18.65
C ASN B 98 15.89 -13.25 17.45
N ILE B 99 15.72 -14.14 16.49
CA ILE B 99 16.49 -14.18 15.22
C ILE B 99 15.61 -13.56 14.15
N ILE B 100 16.11 -12.52 13.49
CA ILE B 100 15.31 -11.70 12.54
C ILE B 100 16.08 -11.53 11.24
N ASP B 101 15.43 -11.86 10.12
CA ASP B 101 15.99 -11.64 8.77
C ASP B 101 15.53 -10.24 8.33
N VAL B 102 16.49 -9.37 8.06
CA VAL B 102 16.27 -7.99 7.56
C VAL B 102 16.63 -8.00 6.07
N GLU B 103 15.62 -7.78 5.23
CA GLU B 103 15.74 -7.85 3.74
C GLU B 103 16.24 -6.50 3.19
N THR B 104 15.86 -5.40 3.83
CA THR B 104 16.19 -4.02 3.42
C THR B 104 16.72 -3.31 4.65
N PRO B 105 17.86 -2.60 4.57
CA PRO B 105 18.42 -1.94 5.76
C PRO B 105 17.36 -1.01 6.33
N ALA B 106 17.31 -0.91 7.66
CA ALA B 106 16.27 -0.14 8.36
C ALA B 106 16.80 0.39 9.68
N ASN B 107 16.34 1.57 10.03
CA ASN B 107 16.37 2.04 11.44
C ASN B 107 15.34 1.21 12.22
N ALA B 108 15.63 0.94 13.48
CA ALA B 108 14.77 0.09 14.33
C ALA B 108 13.93 0.97 15.26
N TYR B 109 12.69 0.60 15.47
CA TYR B 109 11.76 1.28 16.39
C TYR B 109 11.06 0.21 17.20
N ILE B 110 11.04 0.37 18.51
CA ILE B 110 10.31 -0.57 19.38
C ILE B 110 8.84 -0.11 19.41
N SER B 111 7.93 -1.05 19.27
CA SER B 111 6.48 -0.84 19.47
C SER B 111 6.11 -1.46 20.81
N TYR B 112 5.96 -0.62 21.83
CA TYR B 112 5.61 -1.03 23.20
C TYR B 112 4.54 -0.06 23.71
N PHE B 113 3.29 -0.46 23.54
CA PHE B 113 2.12 0.35 23.88
C PHE B 113 1.24 -0.42 24.86
N THR B 114 0.57 0.27 25.77
CA THR B 114 -0.23 -0.37 26.83
C THR B 114 -1.43 0.52 27.17
N GLU B 115 -2.47 -0.08 27.75
CA GLU B 115 -3.64 0.62 28.33
C GLU B 115 -3.36 0.94 29.80
N ASP B 116 -2.52 0.12 30.46
CA ASP B 116 -2.22 0.16 31.91
C ASP B 116 -0.71 0.22 32.12
N ALA B 117 -0.13 1.42 32.14
CA ALA B 117 1.31 1.70 32.42
C ALA B 117 1.75 0.98 33.71
N GLY B 118 0.90 0.97 34.74
CA GLY B 118 1.16 0.37 36.08
C GLY B 118 1.44 -1.11 36.03
N LYS B 119 0.97 -1.83 35.01
CA LYS B 119 1.28 -3.26 34.76
C LYS B 119 2.17 -3.42 33.52
N ALA B 120 2.93 -2.38 33.16
CA ALA B 120 3.97 -2.41 32.11
C ALA B 120 5.35 -2.17 32.71
N PRO B 121 6.24 -3.19 32.73
CA PRO B 121 7.62 -2.97 33.16
C PRO B 121 8.43 -2.24 32.07
N LYS B 122 9.55 -1.60 32.45
CA LYS B 122 10.61 -1.23 31.49
C LYS B 122 11.21 -2.52 30.94
N ILE B 123 11.31 -2.64 29.61
CA ILE B 123 11.82 -3.89 28.96
C ILE B 123 13.17 -3.58 28.32
N PRO B 124 14.26 -4.22 28.77
CA PRO B 124 15.54 -4.16 28.08
C PRO B 124 15.44 -4.82 26.71
N VAL B 125 16.00 -4.16 25.69
CA VAL B 125 16.18 -4.73 24.34
C VAL B 125 17.60 -4.43 23.89
N HIS B 126 18.34 -5.47 23.49
CA HIS B 126 19.75 -5.37 23.07
C HIS B 126 19.85 -5.85 21.63
N PHE B 127 20.12 -4.92 20.73
CA PHE B 127 20.40 -5.19 19.29
C PHE B 127 21.86 -5.62 19.18
N VAL B 128 22.13 -6.87 19.53
CA VAL B 128 23.52 -7.38 19.73
C VAL B 128 24.26 -7.48 18.38
N THR B 129 23.58 -7.32 17.24
CA THR B 129 24.22 -7.35 15.90
C THR B 129 24.00 -6.01 15.16
N GLY B 130 23.44 -5.00 15.83
CA GLY B 130 23.11 -3.71 15.19
C GLY B 130 24.28 -2.73 15.17
N LYS B 131 24.07 -1.60 14.52
CA LYS B 131 25.01 -0.45 14.53
C LYS B 131 24.32 0.73 15.22
N ALA B 132 25.06 1.48 16.02
CA ALA B 132 24.52 2.65 16.72
C ALA B 132 24.54 3.85 15.77
N ASN B 133 23.36 4.29 15.35
CA ASN B 133 23.18 5.56 14.60
C ASN B 133 23.00 6.71 15.59
N GLY B 134 22.49 6.43 16.79
CA GLY B 134 22.07 7.46 17.74
C GLY B 134 20.78 8.15 17.33
N TYR B 135 20.36 9.08 18.14
CA TYR B 135 19.24 9.99 17.80
C TYR B 135 19.45 11.30 18.55
N PHE B 136 18.72 12.32 18.11
CA PHE B 136 18.75 13.67 18.67
C PHE B 136 17.50 13.85 19.51
N ASP B 137 17.68 14.24 20.76
CA ASP B 137 16.55 14.32 21.71
C ASP B 137 16.68 15.61 22.52
N THR B 138 15.89 16.63 22.22
CA THR B 138 15.97 17.92 22.98
C THR B 138 15.49 17.71 24.40
N THR B 139 14.66 16.71 24.67
CA THR B 139 14.17 16.45 26.05
C THR B 139 15.29 15.85 26.92
N ARG B 140 16.34 15.31 26.30
CA ARG B 140 17.56 14.78 26.97
C ARG B 140 18.58 15.92 27.17
N GLY B 141 18.28 17.12 26.66
CA GLY B 141 19.18 18.29 26.73
C GLY B 141 20.20 18.28 25.60
N ASP B 142 19.96 17.55 24.52
CA ASP B 142 20.97 17.48 23.44
C ASP B 142 21.16 18.88 22.85
N THR B 143 22.37 19.15 22.42
CA THR B 143 22.81 20.49 21.97
C THR B 143 23.04 20.44 20.46
N ASN B 144 23.27 21.61 19.86
CA ASN B 144 23.67 21.67 18.44
C ASN B 144 25.01 20.96 18.25
N LYS B 145 25.89 20.93 19.25
CA LYS B 145 27.16 20.17 19.14
C LYS B 145 26.83 18.68 18.98
N ASP B 146 25.87 18.17 19.77
CA ASP B 146 25.40 16.77 19.63
C ASP B 146 24.83 16.54 18.23
N TRP B 147 23.98 17.46 17.77
CA TRP B 147 23.33 17.38 16.44
C TRP B 147 24.40 17.21 15.36
N VAL B 148 25.40 18.08 15.34
CA VAL B 148 26.46 18.06 14.28
C VAL B 148 27.17 16.70 14.34
N ARG B 149 27.50 16.24 15.54
CA ARG B 149 28.24 14.96 15.69
C ARG B 149 27.36 13.82 15.21
N LEU B 150 26.08 13.81 15.59
CA LEU B 150 25.15 12.74 15.13
C LEU B 150 25.14 12.68 13.61
N LEU B 151 24.99 13.81 12.93
CA LEU B 151 24.89 13.82 11.45
C LEU B 151 26.24 13.36 10.87
N ASP B 152 27.36 13.82 11.43
CA ASP B 152 28.70 13.51 10.88
C ASP B 152 29.00 12.01 11.05
N GLN B 153 28.53 11.39 12.13
CA GLN B 153 28.87 9.98 12.49
C GLN B 153 27.79 8.99 12.04
N ALA B 154 26.71 9.47 11.44
CA ALA B 154 25.55 8.60 11.11
C ALA B 154 25.99 7.43 10.25
N VAL B 155 25.46 6.25 10.56
CA VAL B 155 25.66 5.00 9.77
C VAL B 155 24.46 4.77 8.86
N SER B 156 23.34 5.43 9.12
CA SER B 156 22.08 5.31 8.36
C SER B 156 21.89 6.52 7.48
N PRO B 157 21.20 6.42 6.35
CA PRO B 157 20.76 7.60 5.60
C PRO B 157 19.75 8.46 6.39
N ILE B 158 19.11 7.89 7.41
CA ILE B 158 18.03 8.56 8.19
C ILE B 158 18.53 8.90 9.58
N MET B 159 18.28 10.13 10.00
CA MET B 159 18.48 10.52 11.41
C MET B 159 17.12 10.66 12.09
N ASP B 160 17.00 10.05 13.25
CA ASP B 160 15.82 10.16 14.14
C ASP B 160 16.03 11.32 15.11
N ALA B 161 14.98 12.08 15.36
CA ALA B 161 15.05 13.18 16.33
C ALA B 161 13.70 13.32 17.02
N ARG B 162 13.74 13.84 18.24
CA ARG B 162 12.48 14.14 18.95
C ARG B 162 12.63 15.41 19.78
N GLY B 163 11.48 16.04 20.00
CA GLY B 163 11.28 17.11 20.98
C GLY B 163 10.19 16.68 21.93
N LYS B 164 9.47 17.64 22.49
CA LYS B 164 8.39 17.37 23.47
C LYS B 164 7.23 16.69 22.74
N TYR B 165 6.87 17.21 21.57
CA TYR B 165 5.64 16.78 20.85
C TYR B 165 5.97 16.15 19.50
N ILE B 166 7.09 16.51 18.91
CA ILE B 166 7.48 16.09 17.54
C ILE B 166 8.43 14.91 17.58
N GLN B 167 8.26 14.00 16.61
CA GLN B 167 9.29 13.03 16.20
C GLN B 167 9.59 13.31 14.73
N VAL B 168 10.86 13.25 14.36
CA VAL B 168 11.30 13.51 12.97
C VAL B 168 12.10 12.32 12.48
N ALA B 169 11.91 11.92 11.23
CA ALA B 169 12.75 10.90 10.55
C ALA B 169 13.04 11.43 9.15
N TYR B 170 14.16 12.13 8.99
CA TYR B 170 14.55 12.78 7.73
C TYR B 170 15.94 12.31 7.32
N PRO B 171 16.28 12.42 6.03
CA PRO B 171 17.60 12.01 5.58
C PRO B 171 18.69 12.97 6.09
N VAL B 172 19.77 12.35 6.56
CA VAL B 172 21.01 13.06 6.99
C VAL B 172 21.44 14.07 5.92
N GLU B 173 21.37 13.70 4.64
CA GLU B 173 21.82 14.57 3.50
C GLU B 173 21.12 15.93 3.61
N PHE B 174 19.80 15.93 3.81
CA PHE B 174 19.00 17.17 3.81
C PHE B 174 19.20 17.94 5.12
N LEU B 175 19.32 17.22 6.24
CA LEU B 175 19.57 17.87 7.55
C LEU B 175 20.90 18.62 7.48
N LYS B 176 21.93 18.00 6.91
CA LYS B 176 23.24 18.67 6.77
C LYS B 176 23.10 19.91 5.88
N LYS B 177 22.37 19.79 4.77
CA LYS B 177 22.31 20.83 3.74
C LYS B 177 21.49 22.04 4.23
N PHE B 178 20.35 21.81 4.85
CA PHE B 178 19.36 22.88 5.14
C PHE B 178 19.36 23.23 6.63
N THR B 179 19.29 22.26 7.52
CA THR B 179 19.29 22.55 8.96
C THR B 179 20.69 23.03 9.36
N LYS B 180 21.72 22.42 8.78
CA LYS B 180 23.13 22.66 9.15
C LYS B 180 23.26 22.35 10.64
N ASP B 181 23.78 23.28 11.45
CA ASP B 181 24.05 22.99 12.88
C ASP B 181 22.79 23.20 13.74
N ARG B 182 21.66 23.62 13.16
CA ARG B 182 20.55 24.21 13.95
C ARG B 182 19.50 23.16 14.33
N GLY B 183 19.92 22.02 14.88
CA GLY B 183 18.99 20.94 15.25
C GLY B 183 18.03 21.39 16.35
N THR B 184 18.53 22.09 17.36
CA THR B 184 17.66 22.55 18.48
C THR B 184 16.60 23.50 17.92
N GLU B 185 17.01 24.42 17.06
CA GLU B 185 16.06 25.42 16.50
C GLU B 185 14.98 24.70 15.68
N LEU B 186 15.36 23.68 14.92
CA LEU B 186 14.35 22.97 14.09
C LEU B 186 13.34 22.25 14.98
N ILE B 187 13.82 21.45 15.92
CA ILE B 187 12.90 20.68 16.79
C ILE B 187 12.04 21.67 17.59
N ASN B 188 12.62 22.78 18.05
CA ASN B 188 11.83 23.78 18.81
C ASN B 188 10.75 24.38 17.91
N ALA B 189 11.05 24.68 16.65
CA ALA B 189 10.06 25.25 15.71
C ALA B 189 8.90 24.25 15.52
N TYR B 190 9.22 22.98 15.32
CA TYR B 190 8.17 21.94 15.17
C TYR B 190 7.31 21.86 16.44
N ASP B 191 7.95 21.83 17.61
CA ASP B 191 7.20 21.77 18.89
C ASP B 191 6.31 23.01 19.04
N LYS B 192 6.79 24.18 18.61
CA LYS B 192 5.99 25.42 18.68
C LYS B 192 4.75 25.24 17.80
N LEU B 193 4.93 24.74 16.57
CA LEU B 193 3.80 24.64 15.62
C LEU B 193 2.78 23.63 16.12
N ILE B 194 3.21 22.51 16.70
CA ILE B 194 2.25 21.54 17.27
C ILE B 194 1.58 22.17 18.50
N GLY B 195 2.35 22.82 19.36
CA GLY B 195 1.81 23.39 20.60
C GLY B 195 0.72 24.40 20.32
N ILE B 196 0.84 25.15 19.22
CA ILE B 196 -0.20 26.13 18.82
C ILE B 196 -1.52 25.39 18.61
N GLN B 197 -1.46 24.21 17.98
CA GLN B 197 -2.68 23.42 17.72
C GLN B 197 -3.22 22.85 19.02
N TYR B 198 -2.36 22.30 19.90
CA TYR B 198 -2.83 21.77 21.20
C TYR B 198 -3.51 22.90 22.00
N GLN B 199 -2.99 24.11 21.92
CA GLN B 199 -3.58 25.26 22.65
C GLN B 199 -4.97 25.56 22.06
N LEU B 200 -5.09 25.63 20.73
CA LEU B 200 -6.37 25.98 20.09
C LEU B 200 -7.40 24.87 20.33
N MET B 201 -6.95 23.62 20.50
CA MET B 201 -7.81 22.45 20.81
C MET B 201 -8.29 22.48 22.28
N GLY B 202 -7.69 23.34 23.10
CA GLY B 202 -7.95 23.40 24.55
C GLY B 202 -7.26 22.29 25.32
N LEU B 203 -6.24 21.63 24.76
CA LEU B 203 -5.60 20.50 25.49
C LEU B 203 -4.83 21.05 26.69
N ASP B 204 -4.21 22.22 26.58
CA ASP B 204 -3.48 22.83 27.72
C ASP B 204 -4.53 23.19 28.79
N LYS B 205 -5.62 23.84 28.37
CA LYS B 205 -6.66 24.36 29.31
C LYS B 205 -7.30 23.22 30.08
N TYR B 206 -7.58 22.09 29.42
CA TYR B 206 -8.37 20.97 29.99
C TYR B 206 -7.48 19.79 30.38
N GLY B 207 -6.16 19.95 30.39
CA GLY B 207 -5.20 18.96 30.92
C GLY B 207 -5.18 17.67 30.11
N LYS B 208 -5.20 17.79 28.78
CA LYS B 208 -5.33 16.64 27.84
C LYS B 208 -4.20 16.68 26.80
N ILE B 209 -3.06 17.30 27.10
CA ILE B 209 -1.91 17.28 26.16
C ILE B 209 -1.47 15.82 26.02
N PRO B 210 -1.37 15.28 24.79
CA PRO B 210 -0.97 13.89 24.58
C PRO B 210 0.50 13.65 24.96
N GLU B 211 0.79 12.49 25.50
CA GLU B 211 2.18 12.05 25.70
C GLU B 211 2.74 11.63 24.34
N ASN B 212 1.88 11.03 23.52
CA ASN B 212 2.28 10.49 22.19
C ASN B 212 2.77 11.62 21.31
N ARG B 213 3.86 11.40 20.59
CA ARG B 213 4.39 12.37 19.62
C ARG B 213 3.70 12.21 18.27
N VAL B 214 3.85 13.24 17.47
CA VAL B 214 3.45 13.26 16.04
C VAL B 214 4.72 13.10 15.21
N LEU B 215 4.71 12.12 14.30
CA LEU B 215 5.85 11.86 13.41
C LEU B 215 5.74 12.68 12.14
N ALA B 216 6.78 13.47 11.86
CA ALA B 216 7.08 14.06 10.55
C ALA B 216 8.16 13.21 9.87
N ARG B 217 7.83 12.62 8.74
CA ARG B 217 8.75 11.73 8.01
C ARG B 217 9.02 12.29 6.61
N VAL B 218 10.16 11.91 6.07
CA VAL B 218 10.42 12.07 4.63
C VAL B 218 9.62 11.03 3.87
N ASN B 219 9.32 11.34 2.63
CA ASN B 219 8.78 10.35 1.68
C ASN B 219 9.35 10.69 0.31
N PHE B 220 9.25 9.79 -0.66
CA PHE B 220 9.81 10.02 -2.01
C PHE B 220 8.72 9.95 -3.07
N ASN B 221 7.48 10.20 -2.67
CA ASN B 221 6.33 10.14 -3.59
C ASN B 221 5.68 11.51 -3.81
N TYR B 222 5.40 12.28 -2.77
CA TYR B 222 4.61 13.52 -2.91
C TYR B 222 5.04 14.59 -1.92
N TYR B 223 4.98 15.83 -2.42
CA TYR B 223 5.23 17.12 -1.73
C TYR B 223 4.94 17.08 -0.22
N MET B 224 3.68 17.11 0.19
CA MET B 224 3.28 17.20 1.62
C MET B 224 1.94 16.50 1.75
N PHE B 225 1.81 15.64 2.75
CA PHE B 225 0.50 15.03 3.06
C PHE B 225 0.48 14.51 4.47
N ARG B 226 -0.72 14.11 4.88
CA ARG B 226 -0.99 13.48 6.19
C ARG B 226 -1.58 12.11 5.91
N ASP B 227 -1.17 11.11 6.69
CA ASP B 227 -1.85 9.80 6.67
C ASP B 227 -1.90 9.25 8.09
N GLY B 228 -2.19 7.95 8.25
CA GLY B 228 -2.36 7.39 9.59
C GLY B 228 -1.07 7.41 10.39
N ASP B 229 0.09 7.56 9.73
CA ASP B 229 1.40 7.57 10.43
C ASP B 229 1.85 8.98 10.82
N GLY B 230 1.11 10.01 10.41
CA GLY B 230 1.43 11.40 10.75
C GLY B 230 1.60 12.22 9.49
N VAL B 231 2.60 13.07 9.44
CA VAL B 231 2.81 13.96 8.27
C VAL B 231 4.05 13.52 7.52
N ALA B 232 4.05 13.79 6.24
CA ALA B 232 5.10 13.34 5.31
C ALA B 232 5.47 14.46 4.35
N TYR B 233 6.75 14.61 4.10
CA TYR B 233 7.33 15.71 3.28
C TYR B 233 8.31 15.10 2.29
N LEU B 234 8.22 15.55 1.04
CA LEU B 234 9.04 15.03 -0.07
C LEU B 234 10.52 15.26 0.17
N GLY B 235 11.33 14.22 -0.04
CA GLY B 235 12.80 14.28 0.07
C GLY B 235 13.42 14.85 -1.17
N ASN B 236 13.10 16.11 -1.50
CA ASN B 236 13.80 16.84 -2.59
C ASN B 236 14.27 18.19 -2.04
N ASP B 237 15.18 18.85 -2.75
CA ASP B 237 15.72 20.13 -2.25
C ASP B 237 14.58 21.11 -1.97
N GLY B 238 13.65 21.27 -2.90
CA GLY B 238 12.59 22.30 -2.78
C GLY B 238 11.78 22.16 -1.51
N THR B 239 11.32 20.94 -1.20
CA THR B 239 10.45 20.70 -0.03
C THR B 239 11.29 20.66 1.24
N MET B 240 12.46 20.04 1.20
CA MET B 240 13.28 19.91 2.44
C MET B 240 13.78 21.30 2.84
N ARG B 241 14.04 22.18 1.88
CA ARG B 241 14.41 23.58 2.22
C ARG B 241 13.28 24.26 3.00
N MET B 242 12.04 23.99 2.64
CA MET B 242 10.86 24.63 3.27
C MET B 242 10.73 24.17 4.73
N VAL B 243 10.93 22.87 4.99
CA VAL B 243 10.52 22.30 6.30
C VAL B 243 11.71 21.94 7.17
N THR B 244 12.94 21.79 6.65
CA THR B 244 14.11 21.40 7.48
C THR B 244 14.98 22.61 7.80
N ASP B 245 14.69 23.77 7.23
CA ASP B 245 15.33 25.04 7.63
C ASP B 245 14.45 25.63 8.72
N PRO B 246 14.97 25.83 9.95
CA PRO B 246 14.13 26.24 11.07
C PRO B 246 13.54 27.65 10.92
N GLU B 247 14.18 28.51 10.13
CA GLU B 247 13.62 29.85 9.84
C GLU B 247 12.51 29.70 8.80
N ASN B 248 12.73 28.90 7.76
CA ASN B 248 11.74 28.78 6.66
C ASN B 248 10.43 28.21 7.20
N VAL B 249 10.50 27.23 8.09
CA VAL B 249 9.28 26.46 8.44
C VAL B 249 8.33 27.35 9.25
N LEU B 250 8.82 28.46 9.80
CA LEU B 250 7.94 29.39 10.56
C LEU B 250 7.49 30.55 9.67
N LYS B 251 7.70 30.48 8.35
CA LYS B 251 7.37 31.60 7.43
C LYS B 251 6.41 31.15 6.33
N GLY B 252 5.46 32.02 6.02
CA GLY B 252 4.65 31.99 4.79
C GLY B 252 4.10 30.62 4.48
N ASP B 253 4.31 30.20 3.24
CA ASP B 253 3.66 28.98 2.73
C ASP B 253 4.26 27.73 3.40
N ALA B 254 5.50 27.76 3.88
CA ALA B 254 6.10 26.59 4.57
C ALA B 254 5.38 26.39 5.90
N CYS B 255 5.17 27.48 6.65
CA CYS B 255 4.42 27.45 7.92
C CYS B 255 2.99 26.99 7.65
N TRP B 256 2.39 27.48 6.58
CA TRP B 256 1.00 27.09 6.21
C TRP B 256 0.97 25.60 5.91
N GLY B 257 1.88 25.12 5.09
CA GLY B 257 1.88 23.71 4.67
C GLY B 257 2.11 22.77 5.83
N PHE B 258 3.06 23.08 6.70
CA PHE B 258 3.37 22.24 7.88
C PHE B 258 2.14 22.25 8.79
N SER B 259 1.59 23.44 9.05
CA SER B 259 0.45 23.60 9.98
C SER B 259 -0.80 22.92 9.41
N HIS B 260 -0.99 23.01 8.10
CA HIS B 260 -2.12 22.37 7.40
C HIS B 260 -2.03 20.84 7.58
N ALA B 261 -0.85 20.29 7.34
CA ALA B 261 -0.65 18.82 7.40
C ALA B 261 -0.87 18.35 8.84
N VAL B 262 -0.25 19.02 9.82
CA VAL B 262 -0.49 18.63 11.23
C VAL B 262 -1.97 18.87 11.57
N GLY B 263 -2.57 19.91 10.99
CA GLY B 263 -3.99 20.22 11.22
C GLY B 263 -4.90 19.07 10.78
N HIS B 264 -4.51 18.32 9.76
CA HIS B 264 -5.20 17.07 9.37
C HIS B 264 -5.10 16.04 10.50
N VAL B 265 -3.93 15.91 11.12
CA VAL B 265 -3.79 15.00 12.30
C VAL B 265 -4.77 15.46 13.40
N MET B 266 -4.90 16.77 13.62
CA MET B 266 -5.57 17.29 14.84
C MET B 266 -7.06 17.61 14.59
N GLN B 267 -7.56 17.54 13.37
CA GLN B 267 -8.96 17.95 13.09
C GLN B 267 -9.89 16.90 13.66
N MET B 268 -10.84 17.33 14.51
CA MET B 268 -11.72 16.38 15.23
C MET B 268 -12.90 16.02 14.33
N ARG B 269 -13.40 14.80 14.47
CA ARG B 269 -14.49 14.29 13.60
C ARG B 269 -15.72 15.20 13.75
N PRO B 270 -16.09 15.67 14.97
CA PRO B 270 -17.22 16.60 15.09
C PRO B 270 -17.08 17.95 14.36
N MET B 271 -15.88 18.32 13.94
CA MET B 271 -15.66 19.55 13.12
C MET B 271 -15.28 19.17 11.69
N THR B 272 -15.34 17.89 11.35
CA THR B 272 -14.82 17.40 10.05
C THR B 272 -15.84 16.43 9.45
N TRP B 273 -17.09 16.85 9.36
CA TRP B 273 -18.12 16.06 8.63
C TRP B 273 -17.79 16.11 7.14
N GLY B 274 -18.41 15.22 6.34
CA GLY B 274 -18.17 15.20 4.90
C GLY B 274 -18.16 16.59 4.31
N GLY B 275 -17.13 16.92 3.53
CA GLY B 275 -16.94 18.22 2.88
C GLY B 275 -16.06 19.17 3.69
N MET B 276 -15.65 18.77 4.89
CA MET B 276 -14.85 19.65 5.80
C MET B 276 -13.39 19.20 5.88
N THR B 277 -13.00 18.12 5.20
CA THR B 277 -11.64 17.55 5.40
C THR B 277 -10.58 18.62 5.12
N GLU B 278 -10.76 19.43 4.07
CA GLU B 278 -9.77 20.47 3.67
C GLU B 278 -10.26 21.84 4.15
N VAL B 279 -11.11 21.85 5.17
CA VAL B 279 -11.66 23.10 5.75
C VAL B 279 -11.24 23.21 7.22
N SER B 280 -11.67 22.29 8.08
CA SER B 280 -11.52 22.45 9.54
C SER B 280 -10.04 22.49 9.93
N ASN B 281 -9.16 21.83 9.20
CA ASN B 281 -7.72 21.86 9.56
C ASN B 281 -7.14 23.26 9.37
N ASN B 282 -7.69 24.07 8.48
CA ASN B 282 -7.10 25.39 8.18
C ASN B 282 -7.45 26.40 9.27
N ILE B 283 -8.31 26.06 10.23
CA ILE B 283 -8.39 26.89 11.47
C ILE B 283 -7.02 26.88 12.15
N PHE B 284 -6.36 25.73 12.18
CA PHE B 284 -5.00 25.61 12.75
C PHE B 284 -4.01 26.42 11.91
N SER B 285 -4.09 26.35 10.59
CA SER B 285 -3.16 27.07 9.68
C SER B 285 -3.28 28.58 9.93
N LEU B 286 -4.50 29.07 10.05
CA LEU B 286 -4.73 30.52 10.29
C LEU B 286 -4.20 30.90 11.66
N GLN B 287 -4.47 30.08 12.68
CA GLN B 287 -3.99 30.38 14.04
C GLN B 287 -2.45 30.36 14.07
N ALA B 288 -1.84 29.36 13.44
CA ALA B 288 -0.36 29.28 13.36
C ALA B 288 0.19 30.55 12.71
N ALA B 289 -0.41 31.01 11.62
CA ALA B 289 0.04 32.23 10.92
C ALA B 289 -0.03 33.40 11.90
N ALA B 290 -1.15 33.55 12.61
CA ALA B 290 -1.35 34.67 13.56
C ALA B 290 -0.29 34.62 14.66
N LYS B 291 0.09 33.43 15.12
CA LYS B 291 1.02 33.25 16.27
C LYS B 291 2.48 33.31 15.80
N THR B 292 2.76 33.38 14.51
CA THR B 292 4.14 33.38 13.98
C THR B 292 4.43 34.66 13.20
N GLY B 293 3.54 35.66 13.28
CA GLY B 293 3.73 36.97 12.63
C GLY B 293 3.54 36.90 11.12
N ASN B 294 2.82 35.89 10.64
CA ASN B 294 2.53 35.72 9.19
C ASN B 294 1.19 36.39 8.89
N GLU B 295 0.98 36.72 7.63
CA GLU B 295 -0.25 37.40 7.18
C GLU B 295 -1.42 36.42 7.12
N SER B 296 -2.63 36.94 7.27
CA SER B 296 -3.89 36.16 7.08
C SER B 296 -4.03 35.79 5.61
N ARG B 297 -4.14 34.49 5.33
CA ARG B 297 -4.36 34.02 3.94
CA ARG B 297 -4.38 34.01 3.94
C ARG B 297 -5.78 34.42 3.48
N LEU B 298 -6.74 34.46 4.39
CA LEU B 298 -8.13 34.84 4.02
C LEU B 298 -8.12 36.31 3.58
N LYS B 299 -7.38 37.15 4.29
CA LYS B 299 -7.25 38.58 3.92
C LYS B 299 -6.54 38.71 2.57
N ARG B 300 -5.42 38.02 2.41
CA ARG B 300 -4.58 38.07 1.18
C ARG B 300 -5.43 37.68 -0.04
N GLN B 301 -6.29 36.66 0.09
CA GLN B 301 -7.07 36.08 -1.04
C GLN B 301 -8.40 36.83 -1.24
N GLY B 302 -8.71 37.81 -0.39
CA GLY B 302 -10.03 38.47 -0.36
C GLY B 302 -11.14 37.45 -0.22
N SER B 303 -10.92 36.43 0.63
CA SER B 303 -11.85 35.29 0.81
C SER B 303 -13.17 35.73 1.46
N TYR B 304 -13.17 36.76 2.31
CA TYR B 304 -14.40 37.19 3.01
C TYR B 304 -15.45 37.60 1.97
N ASP B 305 -15.07 38.46 1.03
CA ASP B 305 -16.00 38.91 -0.04
C ASP B 305 -16.38 37.72 -0.92
N LYS B 306 -15.41 36.89 -1.31
CA LYS B 306 -15.67 35.74 -2.22
C LYS B 306 -16.69 34.80 -1.57
N ALA B 307 -16.52 34.52 -0.27
CA ALA B 307 -17.38 33.59 0.47
C ALA B 307 -18.80 34.16 0.59
N ARG B 308 -18.91 35.42 0.96
CA ARG B 308 -20.24 36.11 1.09
C ARG B 308 -20.93 36.06 -0.28
N LYS B 309 -20.18 36.31 -1.36
CA LYS B 309 -20.75 36.28 -2.74
C LYS B 309 -21.24 34.87 -3.07
N GLU B 310 -20.45 33.83 -2.79
CA GLU B 310 -20.81 32.46 -3.24
C GLU B 310 -22.01 31.96 -2.43
N ILE B 311 -21.93 32.04 -1.10
CA ILE B 311 -22.87 31.33 -0.19
C ILE B 311 -24.05 32.25 0.13
N ILE B 312 -23.79 33.47 0.61
CA ILE B 312 -24.88 34.31 1.19
C ILE B 312 -25.65 34.95 0.03
N GLU B 313 -24.96 35.66 -0.86
CA GLU B 313 -25.62 36.30 -2.03
C GLU B 313 -26.17 35.21 -2.97
N GLY B 314 -25.45 34.09 -3.11
CA GLY B 314 -25.90 32.97 -3.97
C GLY B 314 -27.05 32.19 -3.35
N GLU B 315 -27.35 32.41 -2.06
CA GLU B 315 -28.45 31.77 -1.29
C GLU B 315 -28.35 30.24 -1.41
N ILE B 316 -27.13 29.70 -1.28
CA ILE B 316 -26.90 28.22 -1.33
C ILE B 316 -26.68 27.71 0.09
N ALA B 317 -26.81 26.40 0.27
CA ALA B 317 -26.44 25.70 1.51
C ALA B 317 -24.92 25.79 1.69
N TYR B 318 -24.48 25.92 2.93
CA TYR B 318 -23.06 25.74 3.31
C TYR B 318 -22.53 24.46 2.67
N LEU B 319 -23.33 23.39 2.71
CA LEU B 319 -22.96 22.05 2.18
C LEU B 319 -22.83 22.08 0.65
N GLN B 320 -23.27 23.15 -0.02
CA GLN B 320 -23.19 23.27 -1.50
C GLN B 320 -21.98 24.10 -1.91
N SER B 321 -21.24 24.71 -0.97
CA SER B 321 -20.06 25.53 -1.33
C SER B 321 -19.03 24.67 -2.05
N LYS B 322 -18.41 25.21 -3.08
CA LYS B 322 -17.42 24.50 -3.93
C LYS B 322 -16.02 25.06 -3.68
N ASP B 323 -15.81 25.78 -2.58
CA ASP B 323 -14.49 26.40 -2.30
C ASP B 323 -14.16 26.23 -0.83
N VAL B 324 -13.05 25.55 -0.53
CA VAL B 324 -12.68 25.21 0.88
C VAL B 324 -12.30 26.48 1.63
N PHE B 325 -11.84 27.54 0.97
CA PHE B 325 -11.53 28.81 1.68
C PHE B 325 -12.84 29.54 1.99
N ASN B 326 -13.83 29.47 1.10
CA ASN B 326 -15.15 30.07 1.39
C ASN B 326 -15.75 29.38 2.62
N LYS B 327 -15.66 28.05 2.73
CA LYS B 327 -16.25 27.32 3.86
C LYS B 327 -15.51 27.65 5.17
N LEU B 328 -14.23 27.96 5.08
CA LEU B 328 -13.38 28.29 6.25
C LEU B 328 -13.80 29.66 6.81
N VAL B 329 -14.24 30.59 5.96
CA VAL B 329 -14.51 32.00 6.37
C VAL B 329 -15.41 32.03 7.60
N PRO B 330 -16.63 31.44 7.62
CA PRO B 330 -17.45 31.50 8.83
C PRO B 330 -16.78 30.91 10.06
N LEU B 331 -15.98 29.84 9.90
CA LEU B 331 -15.30 29.21 11.07
C LEU B 331 -14.31 30.21 11.65
N TRP B 332 -13.64 30.99 10.82
CA TRP B 332 -12.63 31.96 11.31
C TRP B 332 -13.33 33.22 11.81
N GLN B 333 -14.44 33.63 11.19
CA GLN B 333 -15.20 34.81 11.68
C GLN B 333 -15.63 34.54 13.12
N LEU B 334 -16.04 33.31 13.45
CA LEU B 334 -16.46 32.99 14.84
C LEU B 334 -15.29 33.22 15.78
N HIS B 335 -14.10 32.77 15.40
CA HIS B 335 -12.89 32.94 16.24
C HIS B 335 -12.58 34.44 16.37
N LEU B 336 -12.52 35.17 15.26
CA LEU B 336 -12.12 36.61 15.32
C LEU B 336 -13.17 37.40 16.14
N TYR B 337 -14.44 37.07 15.97
CA TYR B 337 -15.53 37.78 16.68
C TYR B 337 -15.42 37.48 18.18
N PHE B 338 -15.40 36.21 18.56
CA PHE B 338 -15.51 35.83 19.98
C PHE B 338 -14.23 36.20 20.73
N THR B 339 -13.06 36.09 20.12
CA THR B 339 -11.80 36.38 20.86
C THR B 339 -11.70 37.90 21.13
N LYS B 340 -12.38 38.76 20.35
CA LYS B 340 -12.36 40.23 20.59
C LYS B 340 -13.61 40.69 21.36
N ASN B 341 -14.57 39.79 21.63
CA ASN B 341 -15.86 40.11 22.29
C ASN B 341 -16.06 39.22 23.52
N GLY B 342 -15.00 38.98 24.29
CA GLY B 342 -15.09 38.45 25.66
C GLY B 342 -15.03 36.94 25.77
N HIS B 343 -14.78 36.20 24.68
CA HIS B 343 -14.63 34.72 24.71
C HIS B 343 -13.29 34.34 24.07
N PRO B 344 -12.14 34.72 24.66
CA PRO B 344 -10.83 34.43 24.08
C PRO B 344 -10.52 32.93 23.90
N ASP B 345 -11.21 32.06 24.64
CA ASP B 345 -10.97 30.59 24.58
C ASP B 345 -12.06 29.92 23.73
N PHE B 346 -12.59 30.62 22.73
CA PHE B 346 -13.70 30.13 21.88
C PHE B 346 -13.44 28.70 21.38
N TYR B 347 -12.44 28.48 20.52
CA TYR B 347 -12.21 27.13 19.96
C TYR B 347 -11.77 26.16 21.04
N PRO B 348 -10.86 26.52 21.98
CA PRO B 348 -10.53 25.61 23.07
C PRO B 348 -11.79 25.06 23.75
N ASP B 349 -12.76 25.93 24.02
CA ASP B 349 -13.99 25.54 24.76
C ASP B 349 -14.92 24.76 23.81
N VAL B 350 -15.07 25.17 22.56
CA VAL B 350 -15.93 24.45 21.58
C VAL B 350 -15.37 23.05 21.38
N MET B 351 -14.06 22.90 21.22
CA MET B 351 -13.52 21.55 20.95
C MET B 351 -13.66 20.69 22.21
N GLU B 352 -13.43 21.23 23.41
CA GLU B 352 -13.65 20.48 24.67
C GLU B 352 -15.12 20.06 24.75
N TYR B 353 -16.03 20.99 24.42
CA TYR B 353 -17.48 20.72 24.48
C TYR B 353 -17.82 19.57 23.53
N LEU B 354 -17.29 19.60 22.32
CA LEU B 354 -17.60 18.55 21.33
C LEU B 354 -16.94 17.23 21.74
N ARG B 355 -15.75 17.25 22.34
CA ARG B 355 -15.11 15.99 22.82
C ARG B 355 -16.05 15.33 23.84
N ASN B 356 -16.67 16.14 24.70
CA ASN B 356 -17.48 15.63 25.83
C ASN B 356 -18.91 15.31 25.37
N ASN B 357 -19.43 15.99 24.35
CA ASN B 357 -20.90 16.01 24.09
C ASN B 357 -21.28 15.52 22.69
N ALA B 358 -20.38 15.52 21.71
CA ALA B 358 -20.77 15.20 20.31
C ALA B 358 -21.08 13.70 20.20
N GLY B 359 -21.92 13.35 19.23
CA GLY B 359 -22.27 11.95 18.95
C GLY B 359 -21.15 11.21 18.23
N ASN B 360 -21.44 9.98 17.82
CA ASN B 360 -20.48 9.07 17.15
C ASN B 360 -21.10 8.70 15.79
N TYR B 361 -20.74 9.42 14.74
CA TYR B 361 -21.33 9.29 13.40
C TYR B 361 -20.25 9.01 12.35
N GLY B 362 -20.60 8.19 11.37
CA GLY B 362 -19.77 7.90 10.19
C GLY B 362 -20.56 8.13 8.92
N GLY B 363 -19.85 8.31 7.81
CA GLY B 363 -20.44 8.40 6.46
C GLY B 363 -21.53 9.44 6.37
N ASN B 364 -22.70 9.06 5.88
CA ASN B 364 -23.79 10.01 5.58
C ASN B 364 -24.39 10.58 6.88
N ASP B 365 -24.14 9.95 8.03
CA ASP B 365 -24.62 10.42 9.35
C ASP B 365 -23.76 11.59 9.85
N THR B 366 -22.56 11.81 9.28
CA THR B 366 -21.64 12.87 9.79
C THR B 366 -22.27 14.26 9.65
N VAL B 367 -23.23 14.46 8.76
CA VAL B 367 -23.90 15.78 8.65
C VAL B 367 -24.53 16.17 9.99
N LYS B 368 -24.89 15.24 10.87
CA LYS B 368 -25.43 15.56 12.20
C LYS B 368 -24.42 16.42 12.97
N TYR B 369 -23.13 16.26 12.71
CA TYR B 369 -22.09 17.07 13.39
C TYR B 369 -22.20 18.55 13.01
N GLN B 370 -22.68 18.87 11.81
CA GLN B 370 -22.83 20.28 11.41
C GLN B 370 -23.73 20.98 12.44
N PHE B 371 -24.81 20.33 12.85
CA PHE B 371 -25.80 20.88 13.80
C PHE B 371 -25.26 20.80 15.23
N GLU B 372 -24.52 19.74 15.59
CA GLU B 372 -23.89 19.66 16.94
C GLU B 372 -22.85 20.78 17.05
N PHE B 373 -22.15 21.10 15.97
CA PHE B 373 -21.15 22.20 15.94
C PHE B 373 -21.87 23.53 16.22
N VAL B 374 -22.99 23.76 15.55
CA VAL B 374 -23.81 24.99 15.76
C VAL B 374 -24.19 25.08 17.24
N LYS B 375 -24.74 24.01 17.81
CA LYS B 375 -25.18 23.97 19.22
C LYS B 375 -24.00 24.28 20.14
N ALA B 376 -22.84 23.68 19.89
CA ALA B 376 -21.65 23.88 20.75
C ALA B 376 -21.26 25.35 20.73
N CYS B 377 -21.22 25.97 19.56
CA CYS B 377 -20.84 27.40 19.42
C CYS B 377 -21.77 28.25 20.28
N CYS B 378 -23.07 27.97 20.25
CA CYS B 378 -24.10 28.74 21.01
C CYS B 378 -23.90 28.50 22.51
N ASP B 379 -23.81 27.23 22.93
CA ASP B 379 -23.73 26.88 24.37
C ASP B 379 -22.45 27.44 25.00
N VAL B 380 -21.32 27.31 24.32
CA VAL B 380 -20.01 27.74 24.88
C VAL B 380 -20.03 29.25 25.10
N THR B 381 -20.66 30.01 24.21
CA THR B 381 -20.61 31.49 24.23
C THR B 381 -21.88 32.08 24.83
N LYS B 382 -22.85 31.23 25.19
CA LYS B 382 -24.20 31.66 25.65
C LYS B 382 -24.70 32.78 24.73
N THR B 383 -24.62 32.53 23.43
CA THR B 383 -25.01 33.49 22.37
C THR B 383 -25.92 32.75 21.39
N ASP B 384 -27.00 33.41 20.96
CA ASP B 384 -27.91 32.86 19.93
C ASP B 384 -27.34 33.24 18.56
N LEU B 385 -26.61 32.32 17.93
CA LEU B 385 -25.96 32.53 16.61
C LEU B 385 -26.86 32.02 15.48
N THR B 386 -28.17 31.90 15.71
CA THR B 386 -29.11 31.44 14.65
C THR B 386 -28.92 32.28 13.37
N ASP B 387 -28.89 33.62 13.45
CA ASP B 387 -28.87 34.47 12.23
C ASP B 387 -27.60 34.21 11.43
N PHE B 388 -26.46 34.16 12.12
CA PHE B 388 -25.12 33.93 11.51
C PHE B 388 -25.16 32.61 10.71
N PHE B 389 -25.57 31.52 11.36
CA PHE B 389 -25.55 30.17 10.74
C PHE B 389 -26.62 30.10 9.65
N GLU B 390 -27.76 30.77 9.84
CA GLU B 390 -28.82 30.88 8.81
C GLU B 390 -28.24 31.53 7.54
N LYS B 391 -27.60 32.70 7.70
CA LYS B 391 -27.05 33.49 6.56
C LYS B 391 -25.98 32.68 5.82
N TRP B 392 -25.13 31.95 6.56
CA TRP B 392 -24.07 31.10 5.95
C TRP B 392 -24.63 29.79 5.41
N GLY B 393 -25.96 29.58 5.42
CA GLY B 393 -26.57 28.44 4.73
C GLY B 393 -26.48 27.14 5.51
N PHE B 394 -26.25 27.18 6.83
CA PHE B 394 -26.14 25.95 7.66
C PHE B 394 -27.50 25.27 7.81
N PHE B 395 -28.60 26.02 7.67
CA PHE B 395 -29.96 25.56 8.01
C PHE B 395 -30.80 25.32 6.75
N LYS B 396 -30.20 25.26 5.56
CA LYS B 396 -30.91 24.98 4.29
C LYS B 396 -31.23 23.49 4.24
N PRO B 397 -32.51 23.08 4.26
CA PRO B 397 -32.85 21.67 4.11
C PRO B 397 -32.62 21.23 2.65
N GLY B 398 -32.36 19.94 2.45
CA GLY B 398 -32.21 19.38 1.10
C GLY B 398 -31.37 18.12 1.08
N LYS B 399 -31.22 17.56 -0.10
CA LYS B 399 -30.34 16.40 -0.35
C LYS B 399 -29.09 16.94 -1.03
N PHE B 400 -27.95 16.77 -0.38
CA PHE B 400 -26.67 17.40 -0.78
C PHE B 400 -25.67 16.29 -1.07
N HIS B 401 -25.14 16.28 -2.28
CA HIS B 401 -24.05 15.35 -2.66
C HIS B 401 -22.73 16.10 -2.50
N ILE B 402 -21.77 15.48 -1.81
CA ILE B 402 -20.43 16.05 -1.59
C ILE B 402 -19.37 15.01 -1.95
N GLY B 403 -18.45 15.40 -2.82
CA GLY B 403 -17.17 14.68 -3.03
C GLY B 403 -16.11 15.24 -2.11
N ASP B 404 -15.65 14.43 -1.15
CA ASP B 404 -14.62 14.84 -0.16
C ASP B 404 -13.78 13.61 0.16
N TYR B 405 -12.94 13.23 -0.81
CA TYR B 405 -12.19 11.96 -0.86
C TYR B 405 -13.24 10.86 -1.11
N ALA B 406 -14.04 10.58 -0.08
CA ALA B 406 -15.23 9.70 -0.12
C ALA B 406 -16.43 10.46 -0.67
N GLN B 407 -17.46 9.75 -1.12
CA GLN B 407 -18.74 10.35 -1.59
C GLN B 407 -19.67 10.42 -0.38
N TYR B 408 -20.35 11.56 -0.21
CA TYR B 408 -21.36 11.78 0.84
C TYR B 408 -22.67 12.16 0.16
N ASP B 409 -23.75 11.56 0.67
CA ASP B 409 -25.14 11.89 0.30
C ASP B 409 -25.86 12.24 1.60
N PHE B 410 -25.96 13.53 1.86
CA PHE B 410 -26.58 14.04 3.10
C PHE B 410 -28.04 14.32 2.82
N ASN B 411 -28.89 13.94 3.76
CA ASN B 411 -30.32 14.33 3.76
C ASN B 411 -30.58 15.21 4.97
N VAL B 412 -30.55 16.54 4.77
CA VAL B 412 -30.88 17.52 5.84
C VAL B 412 -32.38 17.79 5.75
N THR B 413 -33.14 17.22 6.70
CA THR B 413 -34.62 17.29 6.72
C THR B 413 -35.01 18.60 7.40
N PRO B 414 -36.20 19.16 7.08
CA PRO B 414 -36.72 20.30 7.83
C PRO B 414 -36.77 20.01 9.34
N GLU B 415 -37.05 18.78 9.74
CA GLU B 415 -37.15 18.37 11.16
C GLU B 415 -35.79 18.57 11.84
N MET B 416 -34.71 18.16 11.16
CA MET B 416 -33.33 18.30 11.71
C MET B 416 -33.04 19.78 11.95
N VAL B 417 -33.33 20.64 10.97
CA VAL B 417 -33.09 22.10 11.05
C VAL B 417 -33.94 22.68 12.18
N GLU B 418 -35.23 22.36 12.19
CA GLU B 418 -36.18 22.90 13.20
C GLU B 418 -35.75 22.48 14.60
N GLU B 419 -35.36 21.21 14.79
CA GLU B 419 -34.92 20.67 16.11
C GLU B 419 -33.74 21.52 16.62
N THR B 420 -32.76 21.81 15.75
CA THR B 420 -31.56 22.61 16.14
C THR B 420 -31.99 24.04 16.48
N LYS B 421 -32.80 24.68 15.63
CA LYS B 421 -33.25 26.09 15.85
C LYS B 421 -34.01 26.19 17.17
N LYS B 422 -34.88 25.21 17.47
CA LYS B 422 -35.71 25.20 18.70
C LYS B 422 -34.81 24.98 19.93
N TRP B 423 -33.81 24.09 19.83
CA TRP B 423 -32.85 23.85 20.92
C TRP B 423 -32.15 25.17 21.27
N ILE B 424 -31.69 25.92 20.25
CA ILE B 424 -31.00 27.22 20.46
C ILE B 424 -32.00 28.20 21.10
N ALA B 425 -33.20 28.33 20.52
CA ALA B 425 -34.23 29.29 20.98
C ALA B 425 -34.57 29.04 22.46
N GLY B 426 -34.66 27.77 22.86
CA GLY B 426 -35.00 27.34 24.23
C GLY B 426 -33.98 27.80 25.28
N LYS B 427 -32.74 28.09 24.87
CA LYS B 427 -31.67 28.54 25.79
C LYS B 427 -31.92 29.97 26.25
N GLY B 428 -32.63 30.78 25.46
CA GLY B 428 -32.92 32.20 25.76
C GLY B 428 -31.65 33.02 25.81
N TYR B 429 -30.66 32.70 24.97
CA TYR B 429 -29.40 33.47 24.90
C TYR B 429 -29.61 34.75 24.09
N PRO B 430 -28.86 35.83 24.39
CA PRO B 430 -28.92 37.04 23.59
C PRO B 430 -28.38 36.80 22.17
N LYS B 431 -28.99 37.47 21.18
CA LYS B 431 -28.48 37.50 19.79
C LYS B 431 -27.37 38.54 19.71
N PRO B 432 -26.35 38.34 18.84
CA PRO B 432 -25.37 39.40 18.58
C PRO B 432 -26.07 40.65 18.04
N GLU B 433 -25.58 41.82 18.44
CA GLU B 433 -26.12 43.13 18.01
C GLU B 433 -25.71 43.34 16.56
N THR B 434 -24.60 42.72 16.13
CA THR B 434 -24.01 42.94 14.79
C THR B 434 -24.21 41.69 13.92
N ASP B 435 -24.10 41.89 12.62
CA ASP B 435 -24.12 40.82 11.61
C ASP B 435 -22.69 40.29 11.52
N ILE B 436 -22.42 39.18 12.20
CA ILE B 436 -21.03 38.62 12.28
C ILE B 436 -20.58 38.21 10.87
N THR B 437 -21.49 37.91 9.94
CA THR B 437 -21.11 37.56 8.55
C THR B 437 -20.39 38.71 7.87
N GLU B 438 -20.45 39.93 8.40
CA GLU B 438 -19.79 41.03 7.66
C GLU B 438 -18.36 41.23 8.16
N LEU B 439 -17.95 40.45 9.15
CA LEU B 439 -16.58 40.58 9.72
C LEU B 439 -15.57 40.23 8.61
N SER B 440 -14.54 41.06 8.46
CA SER B 440 -13.48 40.87 7.45
C SER B 440 -12.14 41.25 8.09
N GLU B 441 -11.05 40.89 7.45
CA GLU B 441 -9.72 41.41 7.85
C GLU B 441 -9.31 42.47 6.84
N THR C 1 -9.10 9.37 2.86
CA THR C 1 -8.62 7.98 2.73
C THR C 1 -7.10 7.97 2.80
N GLU C 2 -6.61 7.43 3.94
CA GLU C 2 -5.16 7.40 4.23
C GLU C 2 -4.71 8.87 4.05
N ALA C 3 -4.11 9.15 2.88
CA ALA C 3 -3.46 10.44 2.58
C ALA C 3 -4.42 11.60 2.25
N GLN C 4 -4.30 12.67 3.08
CA GLN C 4 -4.97 13.96 2.89
C GLN C 4 -3.86 14.92 2.42
N THR C 5 -4.05 15.63 1.29
CA THR C 5 -3.00 16.52 0.73
C THR C 5 -3.23 18.07 0.93
N THR C 6 -2.53 18.69 -0.05
CA THR C 6 -2.38 20.05 -0.48
C THR C 6 -1.74 19.94 -1.93
N PRO C 7 -2.32 20.59 -2.99
CA PRO C 7 -1.76 20.52 -4.35
C PRO C 7 -0.98 21.67 -4.63
N PRO C 8 -0.33 22.22 -3.57
N THR D 1 2.95 -3.20 -2.58
CA THR D 1 2.86 -4.04 -3.79
C THR D 1 4.29 -4.33 -4.33
N GLU D 2 4.35 -5.06 -5.47
CA GLU D 2 5.63 -5.44 -6.14
C GLU D 2 5.27 -5.70 -7.61
N ALA D 3 4.61 -4.68 -8.18
CA ALA D 3 3.99 -4.70 -9.51
C ALA D 3 4.90 -4.66 -10.74
N GLN D 4 4.77 -5.74 -11.58
CA GLN D 4 5.47 -5.83 -12.90
C GLN D 4 4.36 -5.61 -13.92
N THR D 5 4.57 -4.69 -14.89
CA THR D 5 3.52 -4.25 -15.83
C THR D 5 3.61 -4.72 -17.32
N THR D 6 3.05 -3.77 -18.11
CA THR D 6 2.86 -3.68 -19.55
C THR D 6 2.30 -2.18 -19.68
N PRO D 7 2.89 -1.23 -20.45
CA PRO D 7 2.42 0.22 -20.58
C PRO D 7 1.71 0.61 -21.75
N PRO D 8 0.85 -0.24 -22.37
CA PRO D 8 0.12 0.22 -23.63
C PRO D 8 -0.92 1.13 -23.35
N PRO D 9 -0.73 2.37 -23.83
O5 A2G E . -0.41 23.35 1.78
C1 A2G E . -1.79 22.99 1.55
C2 A2G E . -2.60 24.20 1.12
N2 A2G E . -3.99 23.84 0.80
C3 A2G E . -2.01 24.75 -0.17
O3 A2G E . -2.81 25.91 -0.60
C4 A2G E . -0.54 25.11 0.01
O4 A2G E . -0.45 26.22 0.89
C5 A2G E . 0.25 23.91 0.59
C6 A2G E . 1.69 24.29 0.97
O6 A2G E . 2.41 24.68 -0.23
C7 A2G E . -5.03 24.35 1.48
O7 A2G E . -4.92 25.03 2.50
C8 A2G E . -6.41 23.88 1.00
C1 GAL E . -2.56 26.13 -2.01
C2 GAL E . -3.86 26.48 -2.69
C3 GAL E . -3.57 26.80 -4.17
C4 GAL E . -2.43 27.82 -4.31
C5 GAL E . -1.19 27.35 -3.51
C6 GAL E . -0.01 28.34 -3.61
O2 GAL E . -4.77 25.36 -2.55
O3 GAL E . -4.74 27.37 -4.74
O4 GAL E . -2.91 29.07 -3.80
O5 GAL E . -1.58 27.18 -2.13
O6 GAL E . 1.10 27.89 -2.81
O5 A2G F . -4.74 15.56 -3.28
C1 A2G F . -4.53 16.86 -2.62
C2 A2G F . -5.76 17.81 -2.76
N2 A2G F . -5.78 18.95 -1.79
C3 A2G F . -7.06 17.01 -2.46
O3 A2G F . -8.17 17.85 -2.82
C4 A2G F . -7.12 15.67 -3.18
O4 A2G F . -7.13 15.89 -4.62
C5 A2G F . -5.92 14.83 -2.76
C6 A2G F . -6.14 13.36 -3.20
O6 A2G F . -5.36 12.36 -2.44
C7 A2G F . -6.39 20.14 -2.03
O7 A2G F . -6.89 20.49 -3.11
C8 A2G F . -6.43 21.14 -0.87
C1 GAL F . -9.40 17.70 -2.11
C2 GAL F . -10.14 19.05 -2.16
C3 GAL F . -11.54 18.93 -1.61
C4 GAL F . -12.31 17.86 -2.42
C5 GAL F . -11.55 16.52 -2.43
C6 GAL F . -12.23 15.58 -3.45
O2 GAL F . -9.43 20.08 -1.42
O3 GAL F . -12.19 20.20 -1.77
O4 GAL F . -12.48 18.31 -3.77
O5 GAL F . -10.15 16.67 -2.82
O6 GAL F . -11.93 14.22 -3.14
O5 A2G G . 0.76 -6.73 -22.22
C1 A2G G . 2.14 -6.49 -21.88
C2 A2G G . 2.95 -6.46 -23.15
N2 A2G G . 4.36 -6.14 -22.88
C3 A2G G . 2.42 -5.34 -24.05
O3 A2G G . 3.25 -5.25 -25.24
C4 A2G G . 0.95 -5.58 -24.41
O4 A2G G . 0.83 -6.74 -25.22
C5 A2G G . 0.17 -5.74 -23.12
C6 A2G G . -1.29 -6.13 -23.38
O6 A2G G . -1.99 -5.06 -24.07
C7 A2G G . 5.37 -6.94 -23.24
O7 A2G G . 5.22 -8.06 -23.70
C8 A2G G . 6.79 -6.44 -22.92
C1 GAL G . 3.01 -4.01 -25.93
C2 GAL G . 4.30 -3.42 -26.46
C3 GAL G . 3.92 -2.14 -27.26
C4 GAL G . 2.88 -2.48 -28.35
C5 GAL G . 1.68 -3.21 -27.75
C6 GAL G . 0.76 -3.76 -28.86
O2 GAL G . 5.21 -3.10 -25.38
O3 GAL G . 5.08 -1.61 -27.87
O4 GAL G . 3.48 -3.30 -29.37
O5 GAL G . 2.16 -4.37 -27.02
O6 GAL G . -0.35 -4.46 -28.27
O5 A2G H . 5.16 -0.06 -15.94
C1 A2G H . 5.15 -1.15 -16.89
C2 A2G H . 6.46 -1.16 -17.73
N2 A2G H . 6.55 -2.35 -18.60
C3 A2G H . 7.71 -1.15 -16.86
O3 A2G H . 8.83 -0.89 -17.74
C4 A2G H . 7.62 -0.08 -15.75
O4 A2G H . 7.80 1.23 -16.32
C5 A2G H . 6.27 -0.16 -15.00
C6 A2G H . 6.19 0.96 -13.96
O6 A2G H . 5.04 0.79 -13.13
C7 A2G H . 7.14 -2.30 -19.82
O7 A2G H . 7.60 -1.27 -20.34
C8 A2G H . 7.24 -3.60 -20.58
C1 GAL H . 10.05 -1.59 -17.44
C2 GAL H . 10.78 -1.94 -18.74
C3 GAL H . 12.03 -2.69 -18.38
C4 GAL H . 12.95 -1.74 -17.61
C5 GAL H . 12.21 -1.18 -16.37
C6 GAL H . 13.01 -0.02 -15.78
O2 GAL H . 9.97 -2.76 -19.59
O3 GAL H . 12.67 -3.17 -19.58
O4 GAL H . 13.36 -0.64 -18.46
O5 GAL H . 10.88 -0.70 -16.67
O6 GAL H . 12.93 -0.04 -14.36
C1 GOL I . -20.03 -29.00 3.52
O1 GOL I . -19.96 -28.44 4.83
C2 GOL I . -18.72 -29.62 3.13
O2 GOL I . -18.64 -29.81 1.71
C3 GOL I . -17.54 -28.78 3.57
O3 GOL I . -17.55 -27.50 2.96
C1 GOL J . -13.16 -24.06 -0.09
O1 GOL J . -13.25 -22.80 -0.75
C2 GOL J . -14.22 -24.18 1.01
O2 GOL J . -14.45 -25.54 1.36
C3 GOL J . -15.52 -23.51 0.64
O3 GOL J . -16.37 -24.38 -0.07
C1 GOL K . -19.53 -25.57 -0.13
O1 GOL K . -19.33 -24.32 0.51
C2 GOL K . -20.18 -25.38 -1.47
O2 GOL K . -19.96 -26.52 -2.32
C3 GOL K . -21.62 -24.90 -1.38
O3 GOL K . -22.62 -25.90 -1.59
C1 GOL L . -24.66 -25.69 -5.19
O1 GOL L . -24.07 -24.96 -4.12
C2 GOL L . -23.69 -25.99 -6.32
O2 GOL L . -23.15 -27.31 -6.20
C3 GOL L . -24.36 -25.90 -7.67
O3 GOL L . -24.41 -24.55 -8.15
C1 GOL M . -15.77 -5.53 -2.36
O1 GOL M . -14.52 -5.18 -1.80
C2 GOL M . -16.26 -6.86 -1.88
O2 GOL M . -17.43 -7.23 -2.59
C3 GOL M . -15.22 -7.95 -2.03
O3 GOL M . -14.49 -8.14 -0.83
C1 GOL N . 0.43 -11.84 -29.77
O1 GOL N . 0.25 -13.16 -30.26
C2 GOL N . 0.11 -10.79 -30.80
O2 GOL N . -1.30 -10.74 -31.05
C3 GOL N . 0.88 -10.96 -32.10
O3 GOL N . 1.77 -9.87 -32.31
C1 GOL O . -17.15 -30.54 -3.01
O1 GOL O . -16.26 -31.43 -2.35
C2 GOL O . -16.58 -29.14 -3.06
O2 GOL O . -16.49 -28.72 -4.42
C3 GOL O . -17.39 -28.16 -2.24
O3 GOL O . -17.46 -28.55 -0.87
C1 GOL P . -5.70 -26.87 -18.20
O1 GOL P . -4.41 -27.16 -18.76
C2 GOL P . -6.60 -28.08 -18.24
O2 GOL P . -7.26 -28.24 -16.99
C3 GOL P . -7.60 -28.03 -19.37
O3 GOL P . -7.16 -27.18 -20.43
ZN ZN Q . 5.52 -7.20 -17.95
C1 GOL R . 19.90 -9.47 28.08
O1 GOL R . 20.70 -8.47 27.45
C2 GOL R . 18.46 -9.03 28.22
O2 GOL R . 18.14 -8.86 29.61
C3 GOL R . 18.16 -7.74 27.50
O3 GOL R . 18.76 -7.68 26.22
C1 GOL S . 19.39 4.77 23.90
O1 GOL S . 18.21 5.23 24.55
C2 GOL S . 20.64 5.49 24.39
O2 GOL S . 20.28 6.76 24.95
C3 GOL S . 21.46 4.71 25.39
O3 GOL S . 21.17 3.31 25.34
ZN ZN T . -5.16 19.14 3.13
#